data_1OAR
#
_entry.id   1OAR
#
_cell.length_a   78.917
_cell.length_b   78.882
_cell.length_c   169.036
_cell.angle_alpha   90.00
_cell.angle_beta   90.00
_cell.angle_gamma   90.00
#
_symmetry.space_group_name_H-M   'P 21 21 21'
#
loop_
_entity.id
_entity.type
_entity.pdbx_description
1 polymer 'IMMUNOGLOBULIN E'
2 polymer 'IMMUNOGLOBULING E'
3 non-polymer 'CACODYLATE ION'
4 non-polymer 'DIMETHYL SULFOXIDE'
5 non-polymer 1,2-ETHANEDIOL
6 non-polymer 'ALIZARIN RED'
7 non-polymer 'SODIUM ION'
8 non-polymer 'CHLORIDE ION'
9 water water
#
loop_
_entity_poly.entity_id
_entity_poly.type
_entity_poly.pdbx_seq_one_letter_code
_entity_poly.pdbx_strand_id
1 'polypeptide(L)'
;EVQLQQSGAELVKPGASVKLSCKASGYTFTSYWMHWVKQRPGRGLEWIGRIDPNGGGTKYNEKFKSKATLTVDKPSSTAY
MQLSSLTSEDSAVYYCARMWYYGTYYFDYWGQGTTLTVSSAA
;
H,I,J,K
2 'polypeptide(L)'
;QAVVTQESALTTSPGETVTLTCRSSTGAVTTSNYANWVQEKPDHLFTGLIGGTNNRAPGVPARFSGSLIGNKAALTITGA
QTEDEAIYFCALWYSNHLVFGGGTKLTVLT
;
L,M,N,O
#
loop_
_chem_comp.id
_chem_comp.type
_chem_comp.name
_chem_comp.formula
AZN non-polymer 'ALIZARIN RED' 'C14 H8 O7 S'
CAC non-polymer 'CACODYLATE ION' 'C2 H6 As O2 -1'
CL non-polymer 'CHLORIDE ION' 'Cl -1'
DMS non-polymer 'DIMETHYL SULFOXIDE' 'C2 H6 O S'
EDO non-polymer 1,2-ETHANEDIOL 'C2 H6 O2'
NA non-polymer 'SODIUM ION' 'Na 1'
#
# COMPACT_ATOMS: atom_id res chain seq x y z
N GLU A 1 18.34 -11.56 -45.81
CA GLU A 1 17.11 -10.96 -46.30
C GLU A 1 16.69 -9.74 -45.50
N VAL A 2 16.96 -9.76 -44.20
CA VAL A 2 16.68 -8.60 -43.37
C VAL A 2 17.73 -7.55 -43.69
N GLN A 3 17.29 -6.34 -44.00
CA GLN A 3 18.23 -5.27 -44.33
C GLN A 3 17.80 -3.93 -43.74
N LEU A 4 18.79 -3.16 -43.29
CA LEU A 4 18.56 -1.84 -42.73
C LEU A 4 19.45 -0.86 -43.47
N GLN A 5 18.86 -0.15 -44.42
CA GLN A 5 19.61 0.78 -45.23
C GLN A 5 19.45 2.20 -44.73
N GLN A 6 20.57 2.78 -44.32
CA GLN A 6 20.59 4.13 -43.83
C GLN A 6 21.01 5.08 -44.93
N SER A 7 20.61 6.34 -44.78
CA SER A 7 20.90 7.36 -45.80
C SER A 7 22.40 7.65 -45.91
N GLY A 8 22.77 8.34 -46.99
CA GLY A 8 24.16 8.65 -47.26
C GLY A 8 24.76 9.71 -46.33
N ALA A 9 26.08 9.84 -46.38
CA ALA A 9 26.82 10.81 -45.59
C ALA A 9 26.17 12.17 -45.63
N GLU A 10 26.27 12.91 -44.53
CA GLU A 10 25.69 14.24 -44.46
C GLU A 10 26.72 15.26 -44.02
N LEU A 11 26.59 16.46 -44.57
CA LEU A 11 27.46 17.58 -44.29
C LEU A 11 26.49 18.70 -43.96
N VAL A 12 26.48 19.16 -42.72
CA VAL A 12 25.53 20.21 -42.34
C VAL A 12 26.21 21.28 -41.51
N LYS A 13 25.66 22.48 -41.58
CA LYS A 13 26.22 23.59 -40.83
C LYS A 13 25.76 23.60 -39.38
N PRO A 14 26.63 24.09 -38.50
CA PRO A 14 26.33 24.22 -37.08
C PRO A 14 25.05 25.02 -36.86
N GLY A 15 24.24 24.57 -35.91
CA GLY A 15 22.98 25.25 -35.59
C GLY A 15 21.81 24.72 -36.41
N ALA A 16 22.11 24.06 -37.51
CA ALA A 16 21.06 23.53 -38.37
C ALA A 16 20.50 22.23 -37.83
N SER A 17 19.59 21.61 -38.59
CA SER A 17 19.00 20.35 -38.23
C SER A 17 19.25 19.36 -39.36
N VAL A 18 19.13 18.09 -39.05
CA VAL A 18 19.26 17.05 -40.06
C VAL A 18 18.37 15.86 -39.73
N LYS A 19 17.88 15.20 -40.77
CA LYS A 19 17.05 14.02 -40.59
C LYS A 19 17.66 12.80 -41.28
N LEU A 20 18.00 11.78 -40.50
CA LEU A 20 18.59 10.56 -41.04
C LEU A 20 17.53 9.49 -41.18
N SER A 21 17.71 8.62 -42.17
CA SER A 21 16.74 7.56 -42.42
C SER A 21 17.31 6.15 -42.29
N CYS A 22 16.42 5.20 -42.04
CA CYS A 22 16.80 3.80 -41.87
C CYS A 22 15.72 2.93 -42.48
N LYS A 23 15.91 2.54 -43.73
CA LYS A 23 14.94 1.72 -44.45
C LYS A 23 15.03 0.25 -44.08
N ALA A 24 13.96 -0.26 -43.50
CA ALA A 24 13.91 -1.66 -43.10
C ALA A 24 13.22 -2.48 -44.18
N SER A 25 13.70 -3.71 -44.38
CA SER A 25 13.11 -4.59 -45.37
C SER A 25 13.43 -6.05 -45.05
N GLY A 26 12.57 -6.95 -45.53
CA GLY A 26 12.77 -8.39 -45.32
C GLY A 26 12.18 -8.90 -44.01
N TYR A 27 11.29 -8.14 -43.41
CA TYR A 27 10.65 -8.55 -42.16
C TYR A 27 9.48 -7.65 -41.84
N THR A 28 8.69 -8.02 -40.84
CA THR A 28 7.55 -7.19 -40.47
C THR A 28 8.00 -6.04 -39.59
N PHE A 29 8.09 -4.86 -40.21
CA PHE A 29 8.54 -3.63 -39.56
C PHE A 29 8.02 -3.44 -38.13
N THR A 30 6.70 -3.49 -37.97
CA THR A 30 6.07 -3.22 -36.67
C THR A 30 6.34 -4.25 -35.56
N SER A 31 7.01 -5.35 -35.90
CA SER A 31 7.27 -6.39 -34.90
C SER A 31 8.55 -6.19 -34.06
N TYR A 32 9.37 -5.23 -34.44
CA TYR A 32 10.63 -5.00 -33.73
C TYR A 32 10.91 -3.54 -33.43
N TRP A 33 11.50 -3.29 -32.27
CA TRP A 33 11.96 -1.97 -31.91
C TRP A 33 13.14 -1.59 -32.82
N MET A 34 13.38 -0.29 -32.96
CA MET A 34 14.52 0.24 -33.69
C MET A 34 15.26 1.23 -32.80
N HIS A 35 16.54 0.96 -32.60
CA HIS A 35 17.35 1.81 -31.77
C HIS A 35 18.21 2.69 -32.63
N TRP A 36 18.70 3.77 -32.06
CA TRP A 36 19.66 4.61 -32.73
C TRP A 36 20.85 4.73 -31.81
N VAL A 37 22.03 4.57 -32.40
CA VAL A 37 23.26 4.54 -31.64
C VAL A 37 24.28 5.50 -32.25
N LYS A 38 25.06 6.16 -31.40
CA LYS A 38 26.05 7.13 -31.84
C LYS A 38 27.48 6.63 -31.60
N GLN A 39 28.29 6.67 -32.66
CA GLN A 39 29.69 6.28 -32.57
C GLN A 39 30.61 7.43 -32.96
N ARG A 40 31.51 7.79 -32.05
CA ARG A 40 32.54 8.80 -32.32
C ARG A 40 33.88 8.15 -32.02
N PRO A 41 34.92 8.55 -32.74
CA PRO A 41 36.26 8.00 -32.51
C PRO A 41 36.71 8.11 -31.06
N GLY A 42 37.19 7.01 -30.49
CA GLY A 42 37.67 6.98 -29.12
C GLY A 42 36.56 7.10 -28.07
N ARG A 43 35.32 7.26 -28.52
CA ARG A 43 34.19 7.40 -27.61
C ARG A 43 33.24 6.21 -27.62
N GLY A 44 33.74 5.06 -28.07
CA GLY A 44 32.95 3.83 -28.09
C GLY A 44 31.58 4.00 -28.74
N LEU A 45 30.54 3.60 -28.03
CA LEU A 45 29.18 3.69 -28.53
C LEU A 45 28.32 4.46 -27.54
N GLU A 46 27.40 5.25 -28.06
CA GLU A 46 26.47 5.97 -27.21
C GLU A 46 25.04 5.71 -27.64
N TRP A 47 24.21 5.32 -26.69
CA TRP A 47 22.78 5.05 -26.96
C TRP A 47 22.02 6.34 -27.06
N ILE A 48 21.25 6.49 -28.14
CA ILE A 48 20.43 7.69 -28.30
C ILE A 48 19.00 7.45 -27.79
N GLY A 49 18.40 6.35 -28.23
CA GLY A 49 17.05 5.96 -27.79
C GLY A 49 16.48 4.88 -28.72
N ARG A 50 15.23 4.48 -28.47
CA ARG A 50 14.57 3.50 -29.31
C ARG A 50 13.16 3.96 -29.63
N ILE A 51 12.63 3.44 -30.73
CA ILE A 51 11.25 3.69 -31.10
C ILE A 51 10.55 2.38 -31.38
N ASP A 52 9.28 2.31 -30.98
CA ASP A 52 8.44 1.16 -31.28
C ASP A 52 7.62 1.54 -32.49
N PRO A 53 7.93 0.95 -33.63
CA PRO A 53 7.23 1.28 -34.86
C PRO A 53 5.72 1.04 -34.73
N ASN A 54 5.33 0.32 -33.69
CA ASN A 54 3.91 0.04 -33.44
C ASN A 54 3.37 1.04 -32.42
N GLY A 55 2.90 2.18 -32.89
CA GLY A 55 2.40 3.23 -31.98
C GLY A 55 3.42 4.37 -31.89
N GLY A 56 4.63 4.12 -32.38
CA GLY A 56 5.68 5.14 -32.39
C GLY A 56 6.13 5.60 -31.02
N GLY A 57 5.96 4.76 -30.01
CA GLY A 57 6.40 5.09 -28.67
C GLY A 57 7.93 5.13 -28.62
N THR A 58 8.48 6.07 -27.86
CA THR A 58 9.92 6.28 -27.78
C THR A 58 10.45 6.21 -26.34
N LYS A 59 11.75 5.96 -26.22
CA LYS A 59 12.47 5.95 -24.96
C LYS A 59 13.82 6.57 -25.30
N TYR A 60 14.25 7.56 -24.54
CA TYR A 60 15.50 8.25 -24.84
C TYR A 60 16.51 8.17 -23.74
N ASN A 61 17.77 8.30 -24.14
CA ASN A 61 18.85 8.53 -23.23
C ASN A 61 18.64 10.00 -22.83
N GLU A 62 18.63 10.31 -21.53
CA GLU A 62 18.42 11.72 -21.04
C GLU A 62 19.25 12.65 -21.79
N LYS A 63 20.48 12.24 -22.04
CA LYS A 63 21.44 13.14 -22.65
C LYS A 63 21.06 13.56 -24.08
N PHE A 64 20.16 12.84 -24.72
CA PHE A 64 19.78 13.13 -26.10
C PHE A 64 18.33 13.60 -26.28
N LYS A 65 17.60 13.71 -25.18
CA LYS A 65 16.18 14.07 -25.26
C LYS A 65 15.90 15.40 -25.95
N SER A 66 16.79 16.36 -25.79
CA SER A 66 16.63 17.66 -26.43
C SER A 66 17.38 17.71 -27.74
N LYS A 67 18.08 16.63 -28.05
CA LYS A 67 18.87 16.56 -29.27
C LYS A 67 18.17 15.80 -30.40
N ALA A 68 17.66 14.62 -30.07
CA ALA A 68 17.10 13.73 -31.08
C ALA A 68 15.58 13.53 -31.03
N THR A 69 14.99 13.38 -32.21
CA THR A 69 13.57 13.09 -32.36
C THR A 69 13.44 11.84 -33.22
N LEU A 70 12.88 10.77 -32.65
CA LEU A 70 12.67 9.53 -33.40
C LEU A 70 11.23 9.40 -33.91
N THR A 71 11.08 8.97 -35.15
CA THR A 71 9.77 8.73 -35.75
C THR A 71 9.88 7.52 -36.68
N VAL A 72 8.73 7.05 -37.17
CA VAL A 72 8.71 5.99 -38.17
C VAL A 72 7.65 6.31 -39.20
N ASP A 73 7.76 5.68 -40.35
CA ASP A 73 6.74 5.77 -41.37
C ASP A 73 6.39 4.34 -41.74
N LYS A 74 5.25 3.87 -41.25
CA LYS A 74 4.84 2.48 -41.48
C LYS A 74 4.79 2.07 -42.95
N PRO A 75 4.10 2.87 -43.77
CA PRO A 75 3.94 2.54 -45.19
C PRO A 75 5.27 2.23 -45.89
N SER A 76 6.28 3.06 -45.64
CA SER A 76 7.59 2.89 -46.27
C SER A 76 8.56 2.08 -45.40
N SER A 77 8.08 1.58 -44.26
CA SER A 77 8.94 0.81 -43.36
C SER A 77 10.24 1.53 -43.05
N THR A 78 10.16 2.81 -42.75
CA THR A 78 11.35 3.60 -42.48
C THR A 78 11.36 4.29 -41.12
N ALA A 79 12.48 4.15 -40.42
CA ALA A 79 12.69 4.83 -39.15
C ALA A 79 13.56 6.06 -39.42
N TYR A 80 13.21 7.18 -38.79
CA TYR A 80 13.98 8.41 -38.96
C TYR A 80 14.48 8.91 -37.65
N MET A 81 15.57 9.63 -37.69
CA MET A 81 16.05 10.31 -36.52
C MET A 81 16.46 11.70 -36.92
N GLN A 82 15.83 12.69 -36.30
CA GLN A 82 16.21 14.05 -36.55
C GLN A 82 17.12 14.53 -35.44
N LEU A 83 18.15 15.26 -35.81
CA LEU A 83 19.09 15.83 -34.85
C LEU A 83 19.07 17.34 -35.03
N SER A 84 18.86 18.06 -33.95
CA SER A 84 18.72 19.51 -34.04
C SER A 84 19.82 20.32 -33.34
N SER A 85 19.84 21.62 -33.63
CA SER A 85 20.81 22.57 -33.05
C SER A 85 22.21 21.99 -33.09
N LEU A 86 22.61 21.54 -34.27
CA LEU A 86 23.87 20.84 -34.44
C LEU A 86 25.12 21.60 -34.02
N THR A 87 26.03 20.87 -33.37
CA THR A 87 27.34 21.38 -32.99
C THR A 87 28.34 20.32 -33.42
N SER A 88 29.63 20.60 -33.26
CA SER A 88 30.67 19.64 -33.64
C SER A 88 30.64 18.36 -32.80
N GLU A 89 29.97 18.41 -31.66
CA GLU A 89 29.84 17.24 -30.80
C GLU A 89 28.91 16.21 -31.45
N ASP A 90 28.13 16.66 -32.43
CA ASP A 90 27.21 15.80 -33.14
C ASP A 90 27.83 15.07 -34.33
N SER A 91 29.05 15.47 -34.69
CA SER A 91 29.77 14.79 -35.78
C SER A 91 30.07 13.39 -35.31
N ALA A 92 29.63 12.40 -36.07
CA ALA A 92 29.80 11.01 -35.67
C ALA A 92 29.20 10.10 -36.71
N VAL A 93 29.26 8.80 -36.44
CA VAL A 93 28.57 7.84 -37.28
C VAL A 93 27.35 7.40 -36.50
N TYR A 94 26.19 7.47 -37.14
CA TYR A 94 24.93 7.09 -36.50
C TYR A 94 24.39 5.80 -37.10
N TYR A 95 23.96 4.89 -36.23
CA TYR A 95 23.40 3.61 -36.65
C TYR A 95 21.97 3.44 -36.19
N CYS A 96 21.22 2.64 -36.95
CA CYS A 96 19.95 2.14 -36.49
C CYS A 96 20.18 0.65 -36.26
N ALA A 97 19.55 0.09 -35.24
CA ALA A 97 19.74 -1.31 -34.88
C ALA A 97 18.42 -1.88 -34.37
N ARG A 98 17.99 -3.00 -34.94
CA ARG A 98 16.75 -3.58 -34.50
C ARG A 98 16.86 -4.50 -33.30
N MET A 99 15.79 -4.51 -32.50
CA MET A 99 15.78 -5.29 -31.28
C MET A 99 14.54 -6.15 -31.10
N TRP A 100 14.77 -7.40 -30.69
CA TRP A 100 13.70 -8.31 -30.32
C TRP A 100 13.50 -8.09 -28.81
N TYR A 101 12.27 -7.83 -28.40
CA TYR A 101 12.01 -7.50 -26.99
C TYR A 101 11.01 -8.38 -26.24
N TYR A 102 10.74 -9.59 -26.74
CA TYR A 102 9.80 -10.49 -26.07
C TYR A 102 10.51 -11.62 -25.33
N GLY A 103 10.46 -11.58 -24.00
CA GLY A 103 11.08 -12.60 -23.18
C GLY A 103 12.54 -12.27 -22.89
N THR A 104 13.07 -11.33 -23.66
CA THR A 104 14.44 -10.90 -23.51
C THR A 104 14.58 -9.65 -24.35
N TYR A 105 15.78 -9.08 -24.37
CA TYR A 105 16.05 -7.89 -25.16
C TYR A 105 17.40 -8.04 -25.84
N TYR A 106 17.39 -8.17 -27.16
CA TYR A 106 18.65 -8.28 -27.89
C TYR A 106 18.64 -7.58 -29.23
N PHE A 107 19.79 -6.99 -29.60
CA PHE A 107 19.95 -6.38 -30.92
C PHE A 107 20.29 -7.54 -31.84
N ASP A 108 19.94 -7.43 -33.11
CA ASP A 108 20.43 -8.37 -34.08
C ASP A 108 21.03 -7.68 -35.28
N TYR A 109 20.18 -7.23 -36.19
CA TYR A 109 20.61 -6.53 -37.39
C TYR A 109 20.88 -5.04 -37.15
N TRP A 110 21.98 -4.55 -37.75
CA TRP A 110 22.35 -3.14 -37.63
C TRP A 110 22.46 -2.57 -39.03
N GLY A 111 22.22 -1.27 -39.14
CA GLY A 111 22.39 -0.58 -40.42
C GLY A 111 23.90 -0.39 -40.63
N GLN A 112 24.26 -0.01 -41.84
CA GLN A 112 25.66 0.22 -42.21
C GLN A 112 26.19 1.53 -41.62
N GLY A 113 25.29 2.35 -41.08
CA GLY A 113 25.67 3.61 -40.45
C GLY A 113 25.67 4.81 -41.41
N THR A 114 25.42 6.00 -40.88
CA THR A 114 25.46 7.24 -41.65
C THR A 114 26.43 8.19 -40.97
N THR A 115 27.38 8.72 -41.72
CA THR A 115 28.34 9.68 -41.18
C THR A 115 27.81 11.10 -41.27
N LEU A 116 27.85 11.81 -40.15
CA LEU A 116 27.45 13.21 -40.11
C LEU A 116 28.66 14.07 -39.80
N THR A 117 28.89 15.07 -40.63
CA THR A 117 29.95 16.02 -40.35
C THR A 117 29.34 17.41 -40.21
N VAL A 118 29.46 17.97 -39.02
CA VAL A 118 28.95 19.31 -38.76
C VAL A 118 30.08 20.27 -39.04
N SER A 119 29.94 21.00 -40.13
CA SER A 119 30.99 21.82 -40.67
C SER A 119 30.54 23.25 -41.00
N SER A 120 31.33 24.22 -40.58
CA SER A 120 31.04 25.62 -40.84
C SER A 120 31.34 25.96 -42.30
N ALA A 121 30.48 26.76 -42.93
CA ALA A 121 30.74 27.23 -44.27
C ALA A 121 31.86 28.28 -44.14
N ALA A 122 32.93 28.13 -44.91
CA ALA A 122 34.04 29.07 -44.81
C ALA A 122 33.66 30.49 -45.24
N PRO B 14 31.98 24.12 7.01
CA PRO B 14 31.04 24.82 6.13
C PRO B 14 31.49 24.73 4.68
N GLY B 15 30.57 24.36 3.79
CA GLY B 15 30.85 24.21 2.37
C GLY B 15 31.28 22.78 2.05
N ALA B 16 31.73 22.06 3.06
CA ALA B 16 32.21 20.69 2.90
C ALA B 16 31.05 19.69 2.82
N SER B 17 31.38 18.45 2.43
CA SER B 17 30.40 17.39 2.32
C SER B 17 30.82 16.15 3.11
N VAL B 18 29.88 15.57 3.84
CA VAL B 18 30.17 14.38 4.64
C VAL B 18 29.22 13.23 4.32
N LYS B 19 29.77 12.04 4.13
CA LYS B 19 28.96 10.87 3.83
C LYS B 19 28.81 9.99 5.06
N LEU B 20 27.69 10.15 5.76
CA LEU B 20 27.40 9.38 6.96
C LEU B 20 26.97 7.96 6.61
N SER B 21 27.22 7.02 7.52
CA SER B 21 26.89 5.61 7.29
C SER B 21 25.89 5.03 8.28
N CYS B 22 25.50 3.79 8.05
CA CYS B 22 24.55 3.06 8.91
C CYS B 22 24.65 1.56 8.57
N LYS B 23 25.34 0.79 9.43
CA LYS B 23 25.60 -0.63 9.18
C LYS B 23 24.65 -1.64 9.83
N ALA B 24 24.07 -2.41 8.92
CA ALA B 24 23.21 -3.45 9.37
C ALA B 24 23.81 -4.79 9.62
N SER B 25 23.17 -5.35 10.63
CA SER B 25 23.50 -6.64 10.84
C SER B 25 22.47 -7.31 11.65
N GLY B 26 22.30 -8.55 11.27
CA GLY B 26 21.34 -9.42 11.82
C GLY B 26 20.17 -9.55 10.89
N TYR B 27 20.30 -9.11 9.65
CA TYR B 27 19.13 -9.20 8.84
C TYR B 27 19.25 -9.00 7.35
N THR B 28 18.12 -9.27 6.64
CA THR B 28 18.01 -9.09 5.17
C THR B 28 17.40 -7.75 4.89
N PHE B 29 18.27 -6.88 4.47
CA PHE B 29 18.13 -5.48 4.17
C PHE B 29 17.19 -5.18 3.26
N THR B 30 17.41 -5.81 2.15
CA THR B 30 16.71 -5.35 1.14
C THR B 30 15.33 -5.73 1.52
N SER B 31 15.15 -6.55 2.57
CA SER B 31 13.78 -6.87 3.04
C SER B 31 13.09 -5.69 3.77
N TYR B 32 13.86 -4.67 4.15
CA TYR B 32 13.30 -3.52 4.89
C TYR B 32 13.74 -2.18 4.32
N TRP B 33 12.97 -1.14 4.63
CA TRP B 33 13.31 0.21 4.22
C TRP B 33 14.33 0.79 5.19
N MET B 34 14.80 1.98 4.91
CA MET B 34 15.74 2.67 5.78
C MET B 34 15.49 4.17 5.72
N HIS B 35 15.19 4.75 6.88
CA HIS B 35 14.92 6.18 6.96
C HIS B 35 16.10 6.92 7.53
N TRP B 36 16.04 8.25 7.43
CA TRP B 36 17.07 9.12 7.97
C TRP B 36 16.39 10.33 8.59
N VAL B 37 16.68 10.59 9.86
CA VAL B 37 16.06 11.70 10.58
C VAL B 37 17.08 12.64 11.20
N LYS B 38 16.70 13.91 11.33
CA LYS B 38 17.58 14.93 11.89
C LYS B 38 17.08 15.39 13.26
N GLN B 39 17.88 15.14 14.29
CA GLN B 39 17.53 15.56 15.65
C GLN B 39 18.32 16.79 16.08
N ARG B 40 17.61 17.83 16.48
CA ARG B 40 18.25 19.07 16.92
C ARG B 40 17.70 19.51 18.28
N LEU B 45 12.30 16.21 16.14
CA LEU B 45 12.79 15.31 15.11
C LEU B 45 12.40 15.81 13.72
N GLU B 46 13.18 15.42 12.71
CA GLU B 46 12.94 15.86 11.33
C GLU B 46 13.21 14.75 10.31
N TRP B 47 12.23 14.49 9.45
CA TRP B 47 12.38 13.47 8.41
C TRP B 47 13.09 14.04 7.19
N ILE B 48 14.22 13.44 6.84
CA ILE B 48 15.00 13.87 5.68
C ILE B 48 14.56 13.13 4.43
N GLY B 49 14.43 11.81 4.54
CA GLY B 49 14.01 10.97 3.43
C GLY B 49 14.13 9.49 3.77
N ARG B 50 13.84 8.64 2.79
CA ARG B 50 13.93 7.19 2.96
C ARG B 50 14.40 6.54 1.66
N ILE B 51 14.85 5.29 1.75
CA ILE B 51 15.33 4.57 0.57
C ILE B 51 15.02 3.08 0.67
N ASP B 52 14.88 2.45 -0.50
CA ASP B 52 14.61 1.03 -0.57
C ASP B 52 15.90 0.22 -0.69
N GLY B 57 15.30 2.72 -4.71
CA GLY B 57 14.24 3.72 -4.67
C GLY B 57 14.35 4.59 -3.42
N THR B 58 14.15 5.89 -3.58
CA THR B 58 14.25 6.82 -2.46
C THR B 58 13.18 7.91 -2.46
N LYS B 59 12.74 8.30 -1.27
CA LYS B 59 11.75 9.36 -1.11
C LYS B 59 12.36 10.46 -0.23
N TYR B 60 12.20 11.71 -0.66
CA TYR B 60 12.78 12.84 0.07
C TYR B 60 11.76 13.84 0.58
N ASN B 61 12.13 14.53 1.66
CA ASN B 61 11.33 15.61 2.20
C ASN B 61 11.71 16.84 1.39
N GLU B 62 10.71 17.56 0.89
CA GLU B 62 10.97 18.73 0.03
C GLU B 62 11.90 19.77 0.67
N LYS B 63 12.42 19.46 1.85
CA LYS B 63 13.33 20.35 2.55
C LYS B 63 14.78 19.84 2.51
N PHE B 64 14.94 18.57 2.12
CA PHE B 64 16.27 17.95 2.09
C PHE B 64 16.65 17.32 0.75
N LYS B 65 15.88 17.62 -0.29
CA LYS B 65 16.17 17.06 -1.61
C LYS B 65 17.52 17.54 -2.14
N SER B 66 17.74 18.85 -2.05
CA SER B 66 19.00 19.45 -2.51
C SER B 66 19.97 19.68 -1.36
N LYS B 67 20.02 18.72 -0.44
CA LYS B 67 20.91 18.83 0.71
C LYS B 67 21.53 17.47 1.04
N ALA B 68 20.68 16.46 1.15
CA ALA B 68 21.14 15.11 1.46
C ALA B 68 21.01 14.19 0.25
N THR B 69 21.72 13.07 0.29
CA THR B 69 21.67 12.10 -0.79
C THR B 69 21.86 10.69 -0.23
N LEU B 70 20.75 9.97 -0.08
CA LEU B 70 20.78 8.62 0.46
C LEU B 70 21.18 7.60 -0.60
N THR B 71 21.85 6.55 -0.15
CA THR B 71 22.28 5.48 -1.04
C THR B 71 22.30 4.15 -0.31
N VAL B 72 22.86 3.12 -0.94
CA VAL B 72 22.91 1.79 -0.34
C VAL B 72 24.16 1.03 -0.78
N SER B 77 25.30 -4.97 3.85
CA SER B 77 24.21 -4.34 4.59
C SER B 77 24.62 -2.97 5.12
N THR B 78 24.80 -2.01 4.22
CA THR B 78 25.21 -0.67 4.62
C THR B 78 24.57 0.44 3.79
N ALA B 79 23.97 1.41 4.48
CA ALA B 79 23.36 2.56 3.82
C ALA B 79 24.24 3.79 4.03
N TYR B 80 24.00 4.83 3.24
CA TYR B 80 24.78 6.05 3.34
C TYR B 80 23.92 7.30 3.16
N MET B 81 24.35 8.41 3.75
CA MET B 81 23.62 9.66 3.64
C MET B 81 24.60 10.84 3.50
N GLN B 82 24.69 11.38 2.29
CA GLN B 82 25.61 12.48 2.01
C GLN B 82 25.01 13.86 2.28
N LEU B 83 25.81 14.74 2.85
CA LEU B 83 25.38 16.11 3.12
C LEU B 83 26.30 17.09 2.39
N SER B 84 25.77 17.70 1.33
CA SER B 84 26.54 18.64 0.53
C SER B 84 26.29 20.09 0.94
N SER B 85 27.23 20.97 0.59
CA SER B 85 27.12 22.39 0.90
C SER B 85 26.70 22.64 2.35
N LEU B 86 27.44 22.05 3.29
CA LEU B 86 27.12 22.18 4.71
C LEU B 86 27.11 23.64 5.17
N ASP B 90 22.74 22.33 9.54
CA ASP B 90 23.13 20.98 9.20
C ASP B 90 23.96 20.35 10.32
N SER B 91 24.00 21.04 11.45
CA SER B 91 24.72 20.56 12.62
C SER B 91 23.75 19.98 13.64
N ALA B 92 23.82 18.67 13.84
CA ALA B 92 22.92 17.99 14.77
C ALA B 92 23.13 16.48 14.74
N VAL B 93 22.34 15.76 15.54
CA VAL B 93 22.44 14.31 15.60
C VAL B 93 21.65 13.68 14.45
N TYR B 94 22.25 12.68 13.81
CA TYR B 94 21.60 12.02 12.67
C TYR B 94 21.36 10.52 12.93
N TYR B 95 20.12 10.08 12.71
CA TYR B 95 19.76 8.69 12.94
C TYR B 95 19.32 7.96 11.67
N CYS B 96 19.47 6.63 11.69
CA CYS B 96 19.00 5.78 10.61
C CYS B 96 18.07 4.73 11.25
N ALA B 97 16.85 4.64 10.72
CA ALA B 97 15.85 3.71 11.28
C ALA B 97 15.18 2.88 10.20
N ARG B 98 15.08 1.57 10.43
CA ARG B 98 14.46 0.68 9.46
C ARG B 98 12.94 0.68 9.55
N MET B 99 12.29 0.43 8.42
CA MET B 99 10.84 0.41 8.37
C MET B 99 10.27 -0.86 7.75
N TRP B 100 9.39 -1.52 8.50
CA TRP B 100 8.68 -2.69 8.02
C TRP B 100 7.42 -2.13 7.32
N TYR B 101 7.27 -2.42 6.03
CA TYR B 101 6.17 -1.87 5.25
C TYR B 101 5.20 -2.93 4.71
N TYR B 102 5.35 -4.16 5.19
CA TYR B 102 4.51 -5.26 4.71
C TYR B 102 3.13 -5.32 5.38
N GLY B 103 2.18 -4.58 4.82
CA GLY B 103 0.81 -4.54 5.35
C GLY B 103 0.64 -3.42 6.36
N THR B 104 1.65 -2.56 6.48
CA THR B 104 1.64 -1.44 7.41
C THR B 104 3.00 -0.75 7.42
N TYR B 105 3.05 0.46 7.93
CA TYR B 105 4.30 1.23 7.99
C TYR B 105 4.65 1.62 9.43
N TYR B 106 5.68 1.00 9.97
CA TYR B 106 6.15 1.29 11.33
C TYR B 106 7.66 1.14 11.47
N PHE B 107 8.25 1.95 12.33
CA PHE B 107 9.68 1.86 12.62
C PHE B 107 9.85 0.88 13.76
N ASP B 108 11.11 0.32 13.62
CA ASP B 108 11.40 -0.51 14.76
C ASP B 108 12.77 -0.19 15.35
N TYR B 109 13.73 -0.87 14.82
CA TYR B 109 15.10 -0.65 15.25
C TYR B 109 15.63 0.71 14.80
N TRP B 110 16.28 1.40 15.72
CA TRP B 110 16.83 2.73 15.44
C TRP B 110 18.34 2.73 15.63
N GLY B 111 19.02 3.63 14.92
CA GLY B 111 20.46 3.76 15.03
C GLY B 111 20.81 4.65 16.23
N GLN B 112 21.99 4.44 16.79
CA GLN B 112 22.44 5.21 17.95
C GLN B 112 22.52 6.70 17.62
N GLY B 113 22.79 7.01 16.36
CA GLY B 113 22.88 8.39 15.92
C GLY B 113 24.31 8.84 15.66
N THR B 114 24.45 9.98 14.98
CA THR B 114 25.76 10.54 14.67
C THR B 114 25.73 12.05 14.89
N THR B 115 26.82 12.60 15.42
CA THR B 115 26.90 14.02 15.69
C THR B 115 27.72 14.78 14.64
N LEU B 116 27.14 15.85 14.11
CA LEU B 116 27.81 16.67 13.11
C LEU B 116 27.57 18.15 13.40
N GLU C 1 -21.23 16.97 42.98
CA GLU C 1 -20.92 18.29 42.45
C GLU C 1 -21.14 18.38 40.95
N VAL C 2 -20.86 17.28 40.24
CA VAL C 2 -21.12 17.25 38.81
C VAL C 2 -22.63 17.13 38.63
N GLN C 3 -23.20 18.02 37.82
CA GLN C 3 -24.63 17.99 37.59
C GLN C 3 -24.98 18.26 36.13
N LEU C 4 -26.01 17.57 35.65
CA LEU C 4 -26.50 17.74 34.28
C LEU C 4 -27.98 18.00 34.35
N GLN C 5 -28.35 19.27 34.24
CA GLN C 5 -29.74 19.66 34.35
C GLN C 5 -30.36 19.86 32.98
N GLN C 6 -31.36 19.05 32.70
CA GLN C 6 -32.06 19.10 31.43
C GLN C 6 -33.33 19.92 31.60
N SER C 7 -33.81 20.47 30.49
CA SER C 7 -34.99 21.32 30.49
C SER C 7 -36.26 20.55 30.86
N GLY C 8 -37.32 21.29 31.17
CA GLY C 8 -38.57 20.68 31.59
C GLY C 8 -39.34 19.98 30.47
N ALA C 9 -40.36 19.23 30.86
CA ALA C 9 -41.22 18.50 29.93
C ALA C 9 -41.64 19.38 28.77
N GLU C 10 -41.80 18.78 27.60
CA GLU C 10 -42.22 19.52 26.41
C GLU C 10 -43.43 18.87 25.77
N LEU C 11 -44.29 19.73 25.23
CA LEU C 11 -45.51 19.33 24.56
C LEU C 11 -45.44 20.06 23.23
N VAL C 12 -45.30 19.35 22.13
CA VAL C 12 -45.17 20.00 20.83
C VAL C 12 -46.03 19.34 19.80
N LYS C 13 -46.44 20.10 18.80
CA LYS C 13 -47.28 19.58 17.73
C LYS C 13 -46.46 18.85 16.68
N PRO C 14 -47.08 17.84 16.08
CA PRO C 14 -46.47 17.07 15.01
C PRO C 14 -46.01 17.98 13.87
N GLY C 15 -44.84 17.69 13.31
CA GLY C 15 -44.30 18.47 12.22
C GLY C 15 -43.43 19.62 12.70
N ALA C 16 -43.59 20.01 13.96
CA ALA C 16 -42.81 21.11 14.51
C ALA C 16 -41.41 20.67 14.90
N SER C 17 -40.67 21.59 15.50
CA SER C 17 -39.32 21.32 15.96
C SER C 17 -39.26 21.63 17.45
N VAL C 18 -38.25 21.09 18.12
CA VAL C 18 -38.04 21.39 19.52
C VAL C 18 -36.56 21.35 19.85
N LYS C 19 -36.15 22.18 20.80
CA LYS C 19 -34.77 22.21 21.24
C LYS C 19 -34.66 21.92 22.74
N LEU C 20 -33.98 20.83 23.09
CA LEU C 20 -33.79 20.46 24.48
C LEU C 20 -32.43 20.89 24.97
N SER C 21 -32.33 21.19 26.26
CA SER C 21 -31.08 21.65 26.84
C SER C 21 -30.54 20.74 27.94
N CYS C 22 -29.23 20.84 28.17
CA CYS C 22 -28.56 20.03 29.17
C CYS C 22 -27.45 20.88 29.80
N LYS C 23 -27.78 21.51 30.92
CA LYS C 23 -26.82 22.38 31.61
C LYS C 23 -25.83 21.59 32.45
N ALA C 24 -24.56 21.70 32.10
CA ALA C 24 -23.51 21.01 32.81
C ALA C 24 -22.88 21.94 33.84
N SER C 25 -22.51 21.40 34.99
CA SER C 25 -21.87 22.18 36.03
C SER C 25 -21.05 21.30 36.96
N GLY C 26 -20.06 21.90 37.61
CA GLY C 26 -19.21 21.17 38.56
C GLY C 26 -18.03 20.46 37.91
N TYR C 27 -17.69 20.84 36.69
CA TYR C 27 -16.55 20.23 35.99
C TYR C 27 -16.19 21.05 34.76
N THR C 28 -15.08 20.72 34.13
CA THR C 28 -14.69 21.45 32.93
C THR C 28 -15.44 20.91 31.72
N PHE C 29 -16.44 21.65 31.30
CA PHE C 29 -17.32 21.30 30.19
C PHE C 29 -16.59 20.69 28.98
N THR C 30 -15.59 21.39 28.47
CA THR C 30 -14.88 20.96 27.26
C THR C 30 -14.05 19.69 27.39
N SER C 31 -13.93 19.16 28.60
CA SER C 31 -13.10 17.96 28.81
C SER C 31 -13.83 16.62 28.58
N TYR C 32 -15.14 16.67 28.40
CA TYR C 32 -15.91 15.43 28.23
C TYR C 32 -16.93 15.51 27.11
N TRP C 33 -17.10 14.39 26.42
CA TRP C 33 -18.14 14.28 25.41
C TRP C 33 -19.51 14.27 26.10
N MET C 34 -20.55 14.63 25.34
CA MET C 34 -21.92 14.60 25.82
C MET C 34 -22.75 13.82 24.82
N HIS C 35 -23.40 12.77 25.32
CA HIS C 35 -24.22 11.93 24.47
C HIS C 35 -25.68 12.29 24.68
N TRP C 36 -26.49 11.91 23.72
CA TRP C 36 -27.93 12.04 23.88
C TRP C 36 -28.52 10.67 23.63
N VAL C 37 -29.44 10.28 24.50
CA VAL C 37 -30.01 8.96 24.46
C VAL C 37 -31.54 9.04 24.52
N LYS C 38 -32.20 8.16 23.79
CA LYS C 38 -33.66 8.15 23.71
C LYS C 38 -34.26 6.91 24.40
N GLN C 39 -35.21 7.15 25.30
CA GLN C 39 -35.89 6.08 25.99
C GLN C 39 -37.40 6.13 25.75
N ARG C 40 -37.93 5.04 25.22
CA ARG C 40 -39.38 4.89 25.02
C ARG C 40 -39.80 3.62 25.75
N PRO C 41 -41.03 3.59 26.27
CA PRO C 41 -41.53 2.41 26.96
C PRO C 41 -41.42 1.13 26.13
N GLY C 42 -40.85 0.09 26.72
CA GLY C 42 -40.70 -1.20 26.05
C GLY C 42 -39.64 -1.20 24.93
N ARG C 43 -39.04 -0.04 24.69
CA ARG C 43 -38.03 0.09 23.63
C ARG C 43 -36.62 0.31 24.16
N GLY C 44 -36.39 -0.05 25.42
CA GLY C 44 -35.08 0.09 26.03
C GLY C 44 -34.45 1.46 25.86
N LEU C 45 -33.23 1.49 25.35
CA LEU C 45 -32.52 2.75 25.13
C LEU C 45 -32.08 2.83 23.69
N GLU C 46 -32.12 4.04 23.14
CA GLU C 46 -31.64 4.26 21.78
C GLU C 46 -30.63 5.38 21.75
N TRP C 47 -29.48 5.12 21.15
CA TRP C 47 -28.41 6.13 21.03
C TRP C 47 -28.73 7.10 19.92
N ILE C 48 -28.66 8.39 20.22
CA ILE C 48 -28.91 9.40 19.21
C ILE C 48 -27.59 9.87 18.58
N GLY C 49 -26.62 10.22 19.42
CA GLY C 49 -25.29 10.63 18.96
C GLY C 49 -24.53 11.32 20.11
N ARG C 50 -23.32 11.80 19.82
CA ARG C 50 -22.52 12.52 20.81
C ARG C 50 -21.94 13.78 20.21
N ILE C 51 -21.61 14.72 21.09
CA ILE C 51 -20.96 15.93 20.67
C ILE C 51 -19.73 16.17 21.53
N ASP C 52 -18.67 16.68 20.91
CA ASP C 52 -17.45 17.05 21.62
C ASP C 52 -17.54 18.55 21.82
N PRO C 53 -17.78 18.97 23.05
CA PRO C 53 -17.92 20.38 23.35
C PRO C 53 -16.68 21.17 22.94
N ASN C 54 -15.59 20.46 22.65
CA ASN C 54 -14.35 21.10 22.22
C ASN C 54 -14.26 21.04 20.69
N GLY C 55 -14.81 22.04 20.03
CA GLY C 55 -14.82 22.05 18.55
C GLY C 55 -16.21 21.68 18.04
N GLY C 56 -17.06 21.18 18.92
CA GLY C 56 -18.44 20.86 18.57
C GLY C 56 -18.59 19.75 17.53
N GLY C 57 -17.58 18.87 17.45
CA GLY C 57 -17.65 17.76 16.52
C GLY C 57 -18.71 16.76 16.99
N THR C 58 -19.43 16.18 16.03
CA THR C 58 -20.53 15.26 16.33
C THR C 58 -20.37 13.90 15.66
N LYS C 59 -21.07 12.91 16.20
CA LYS C 59 -21.13 11.56 15.66
C LYS C 59 -22.58 11.14 15.90
N TYR C 60 -23.26 10.65 14.87
CA TYR C 60 -24.66 10.28 14.99
C TYR C 60 -24.93 8.84 14.71
N ASN C 61 -26.02 8.36 15.30
CA ASN C 61 -26.60 7.10 14.92
C ASN C 61 -27.25 7.43 13.57
N GLU C 62 -27.00 6.61 12.53
CA GLU C 62 -27.58 6.84 11.16
C GLU C 62 -29.01 7.14 11.25
N LYS C 63 -29.68 6.41 12.12
CA LYS C 63 -31.13 6.51 12.19
C LYS C 63 -31.63 7.89 12.64
N PHE C 64 -30.75 8.68 13.25
CA PHE C 64 -31.15 9.99 13.77
C PHE C 64 -30.51 11.18 13.06
N LYS C 65 -29.68 10.91 12.06
CA LYS C 65 -28.96 11.99 11.38
C LYS C 65 -29.84 13.07 10.77
N SER C 66 -31.02 12.69 10.29
CA SER C 66 -31.94 13.66 9.72
C SER C 66 -32.95 14.12 10.75
N LYS C 67 -32.86 13.55 11.95
CA LYS C 67 -33.77 13.89 13.02
C LYS C 67 -33.19 14.89 14.03
N ALA C 68 -31.98 14.61 14.49
CA ALA C 68 -31.36 15.39 15.56
C ALA C 68 -30.17 16.25 15.15
N THR C 69 -30.07 17.41 15.78
CA THR C 69 -28.94 18.33 15.60
C THR C 69 -28.36 18.62 16.98
N LEU C 70 -27.11 18.24 17.19
CA LEU C 70 -26.43 18.50 18.47
C LEU C 70 -25.52 19.75 18.38
N THR C 71 -25.57 20.58 19.41
CA THR C 71 -24.70 21.75 19.51
C THR C 71 -24.33 21.96 20.97
N VAL C 72 -23.41 22.88 21.22
CA VAL C 72 -23.06 23.26 22.59
C VAL C 72 -22.89 24.77 22.65
N ASP C 73 -22.95 25.31 23.85
CA ASP C 73 -22.64 26.71 24.07
C ASP C 73 -21.62 26.73 25.18
N LYS C 74 -20.37 26.96 24.83
CA LYS C 74 -19.29 26.94 25.81
C LYS C 74 -19.50 27.89 27.00
N PRO C 75 -19.79 29.15 26.71
CA PRO C 75 -19.97 30.15 27.78
C PRO C 75 -20.93 29.69 28.88
N SER C 76 -22.07 29.15 28.48
CA SER C 76 -23.09 28.69 29.42
C SER C 76 -22.95 27.22 29.79
N SER C 77 -21.91 26.55 29.28
CA SER C 77 -21.70 25.14 29.55
C SER C 77 -22.97 24.31 29.29
N THR C 78 -23.62 24.56 28.16
CA THR C 78 -24.85 23.87 27.85
C THR C 78 -24.84 23.12 26.52
N ALA C 79 -25.28 21.86 26.56
CA ALA C 79 -25.42 21.06 25.35
C ALA C 79 -26.89 21.08 24.95
N TYR C 80 -27.15 21.22 23.66
CA TYR C 80 -28.52 21.24 23.16
C TYR C 80 -28.73 20.15 22.15
N MET C 81 -29.97 19.72 22.04
CA MET C 81 -30.33 18.80 21.00
C MET C 81 -31.63 19.26 20.40
N GLN C 82 -31.61 19.55 19.11
CA GLN C 82 -32.82 19.91 18.43
C GLN C 82 -33.37 18.70 17.71
N LEU C 83 -34.69 18.54 17.76
CA LEU C 83 -35.36 17.44 17.08
C LEU C 83 -36.37 18.07 16.13
N SER C 84 -36.32 17.66 14.86
CA SER C 84 -37.18 18.27 13.85
C SER C 84 -38.20 17.34 13.22
N SER C 85 -39.15 17.95 12.49
CA SER C 85 -40.22 17.21 11.78
C SER C 85 -40.84 16.17 12.69
N LEU C 86 -41.22 16.61 13.88
CA LEU C 86 -41.73 15.71 14.91
C LEU C 86 -42.93 14.85 14.54
N THR C 87 -42.87 13.59 14.95
CA THR C 87 -43.98 12.65 14.80
C THR C 87 -44.15 11.98 16.15
N SER C 88 -45.17 11.13 16.29
CA SER C 88 -45.41 10.45 17.56
C SER C 88 -44.29 9.47 17.93
N GLU C 89 -43.47 9.10 16.95
CA GLU C 89 -42.34 8.20 17.21
C GLU C 89 -41.27 8.93 18.02
N ASP C 90 -41.35 10.25 18.04
CA ASP C 90 -40.39 11.08 18.78
C ASP C 90 -40.78 11.28 20.25
N SER C 91 -42.00 10.88 20.62
CA SER C 91 -42.44 10.98 22.01
C SER C 91 -41.60 10.01 22.80
N ALA C 92 -40.92 10.52 23.84
CA ALA C 92 -40.03 9.69 24.62
C ALA C 92 -39.39 10.51 25.71
N VAL C 93 -38.52 9.88 26.48
CA VAL C 93 -37.72 10.60 27.44
C VAL C 93 -36.31 10.69 26.86
N TYR C 94 -35.78 11.91 26.81
CA TYR C 94 -34.45 12.13 26.26
C TYR C 94 -33.46 12.48 27.36
N TYR C 95 -32.29 11.86 27.31
CA TYR C 95 -31.23 12.11 28.29
C TYR C 95 -29.98 12.63 27.65
N CYS C 96 -29.21 13.38 28.43
CA CYS C 96 -27.85 13.71 28.06
C CYS C 96 -26.99 12.93 29.05
N ALA C 97 -25.85 12.45 28.58
CA ALA C 97 -24.96 11.64 29.43
C ALA C 97 -23.52 11.93 29.06
N ARG C 98 -22.71 12.24 30.06
CA ARG C 98 -21.32 12.54 29.78
C ARG C 98 -20.40 11.33 29.72
N MET C 99 -19.39 11.44 28.86
CA MET C 99 -18.47 10.34 28.64
C MET C 99 -17.01 10.73 28.73
N TRP C 100 -16.23 9.91 29.44
CA TRP C 100 -14.78 10.03 29.47
C TRP C 100 -14.27 9.18 28.32
N TYR C 101 -13.44 9.74 27.46
CA TYR C 101 -12.98 9.03 26.26
C TYR C 101 -11.47 8.85 26.08
N TYR C 102 -10.70 8.99 27.15
CA TYR C 102 -9.25 8.83 27.06
C TYR C 102 -8.77 7.50 27.64
N GLY C 103 -8.30 6.62 26.76
CA GLY C 103 -7.80 5.31 27.19
C GLY C 103 -8.93 4.29 27.26
N THR C 104 -10.16 4.79 27.25
CA THR C 104 -11.34 3.96 27.33
C THR C 104 -12.51 4.85 27.02
N TYR C 105 -13.70 4.28 27.02
CA TYR C 105 -14.92 5.05 26.76
C TYR C 105 -15.99 4.62 27.76
N TYR C 106 -16.35 5.51 28.67
CA TYR C 106 -17.41 5.19 29.63
C TYR C 106 -18.31 6.37 29.96
N PHE C 107 -19.59 6.07 30.16
CA PHE C 107 -20.54 7.09 30.61
C PHE C 107 -20.37 7.16 32.11
N ASP C 108 -20.63 8.31 32.70
CA ASP C 108 -20.70 8.39 34.15
C ASP C 108 -21.97 9.08 34.61
N TYR C 109 -21.97 10.39 34.56
CA TYR C 109 -23.12 11.18 34.96
C TYR C 109 -24.17 11.33 33.86
N TRP C 110 -25.44 11.20 34.24
CA TRP C 110 -26.57 11.32 33.31
C TRP C 110 -27.48 12.41 33.80
N GLY C 111 -28.17 13.07 32.88
CA GLY C 111 -29.16 14.07 33.26
C GLY C 111 -30.40 13.33 33.75
N GLN C 112 -31.31 14.07 34.36
CA GLN C 112 -32.55 13.51 34.91
C GLN C 112 -33.55 13.17 33.80
N GLY C 113 -33.26 13.63 32.58
CA GLY C 113 -34.10 13.34 31.42
C GLY C 113 -35.19 14.39 31.18
N THR C 114 -35.58 14.56 29.92
CA THR C 114 -36.67 15.46 29.54
C THR C 114 -37.71 14.67 28.76
N THR C 115 -38.96 14.77 29.18
CA THR C 115 -40.06 14.08 28.50
C THR C 115 -40.62 14.92 27.37
N LEU C 116 -40.71 14.33 26.18
CA LEU C 116 -41.31 15.00 25.04
C LEU C 116 -42.59 14.29 24.64
N THR C 117 -43.67 15.04 24.53
CA THR C 117 -44.91 14.48 24.04
C THR C 117 -45.31 15.20 22.77
N VAL C 118 -45.35 14.47 21.67
CA VAL C 118 -45.75 15.04 20.39
C VAL C 118 -47.24 14.81 20.27
N SER C 119 -47.97 15.90 20.38
CA SER C 119 -49.42 15.88 20.51
C SER C 119 -50.12 16.85 19.55
N SER C 120 -51.14 16.36 18.87
CA SER C 120 -51.91 17.18 17.93
C SER C 120 -52.84 18.10 18.71
N ALA C 121 -52.95 19.34 18.25
CA ALA C 121 -53.90 20.28 18.84
C ALA C 121 -55.29 19.81 18.40
N ALA C 122 -56.20 19.64 19.35
CA ALA C 122 -57.54 19.15 18.99
C ALA C 122 -58.32 20.15 18.13
N PRO D 14 -35.22 -17.89 -10.12
CA PRO D 14 -35.32 -16.45 -10.40
C PRO D 14 -36.08 -15.73 -9.29
N GLY D 15 -35.50 -14.63 -8.81
CA GLY D 15 -36.09 -13.85 -7.73
C GLY D 15 -35.57 -14.32 -6.37
N ALA D 16 -35.07 -15.55 -6.33
CA ALA D 16 -34.58 -16.14 -5.09
C ALA D 16 -33.17 -15.67 -4.74
N SER D 17 -32.74 -15.98 -3.51
CA SER D 17 -31.42 -15.59 -3.04
C SER D 17 -30.65 -16.79 -2.50
N VAL D 18 -29.37 -16.90 -2.88
CA VAL D 18 -28.54 -18.01 -2.43
C VAL D 18 -27.27 -17.52 -1.76
N LYS D 19 -26.94 -18.09 -0.61
CA LYS D 19 -25.74 -17.73 0.13
C LYS D 19 -24.65 -18.78 -0.07
N LEU D 20 -23.74 -18.50 -1.01
CA LEU D 20 -22.64 -19.42 -1.30
C LEU D 20 -21.56 -19.32 -0.23
N SER D 21 -20.82 -20.41 -0.05
CA SER D 21 -19.77 -20.46 0.98
C SER D 21 -18.37 -20.71 0.41
N CYS D 22 -17.38 -20.68 1.31
CA CYS D 22 -15.97 -20.91 0.96
C CYS D 22 -15.19 -21.19 2.25
N LYS D 23 -14.88 -22.47 2.51
CA LYS D 23 -14.24 -22.89 3.76
C LYS D 23 -12.72 -23.05 3.75
N THR D 30 -7.79 -14.68 8.82
CA THR D 30 -7.90 -13.23 8.76
C THR D 30 -6.59 -12.61 8.28
N SER D 31 -5.54 -13.43 8.20
CA SER D 31 -4.24 -12.97 7.74
C SER D 31 -4.24 -12.71 6.23
N TYR D 32 -5.28 -13.18 5.53
CA TYR D 32 -5.38 -13.01 4.08
C TYR D 32 -6.75 -12.48 3.64
N TRP D 33 -6.77 -11.81 2.49
CA TRP D 33 -8.01 -11.32 1.91
C TRP D 33 -8.74 -12.50 1.25
N MET D 34 -9.93 -12.23 0.75
CA MET D 34 -10.71 -13.24 0.05
C MET D 34 -11.54 -12.59 -1.05
N HIS D 35 -11.31 -13.01 -2.28
CA HIS D 35 -12.02 -12.45 -3.41
C HIS D 35 -13.14 -13.37 -3.87
N TRP D 36 -13.95 -12.88 -4.80
CA TRP D 36 -15.04 -13.65 -5.37
C TRP D 36 -15.14 -13.29 -6.85
N VAL D 37 -15.06 -14.30 -7.71
CA VAL D 37 -15.09 -14.08 -9.15
C VAL D 37 -16.18 -14.89 -9.84
N LYS D 38 -16.69 -14.35 -10.94
CA LYS D 38 -17.76 -15.00 -11.70
C LYS D 38 -17.24 -15.52 -13.04
N GLN D 39 -17.29 -16.83 -13.22
CA GLN D 39 -16.85 -17.44 -14.48
C GLN D 39 -18.03 -17.88 -15.33
N ARG D 40 -18.06 -17.41 -16.56
CA ARG D 40 -19.15 -17.73 -17.48
C ARG D 40 -18.60 -18.22 -18.82
N LEU D 45 -13.49 -14.28 -17.08
CA LEU D 45 -13.60 -14.14 -15.63
C LEU D 45 -14.14 -12.74 -15.27
N GLU D 46 -14.77 -12.64 -14.10
CA GLU D 46 -15.36 -11.38 -13.64
C GLU D 46 -15.18 -11.16 -12.14
N TRP D 47 -14.63 -10.01 -11.77
CA TRP D 47 -14.43 -9.67 -10.36
C TRP D 47 -15.71 -9.08 -9.76
N ILE D 48 -16.22 -9.73 -8.72
CA ILE D 48 -17.42 -9.27 -8.04
C ILE D 48 -17.07 -8.32 -6.90
N GLY D 49 -16.10 -8.73 -6.09
CA GLY D 49 -15.65 -7.92 -4.96
C GLY D 49 -14.67 -8.69 -4.08
N ARG D 50 -14.27 -8.08 -2.98
CA ARG D 50 -13.36 -8.69 -2.02
C ARG D 50 -13.73 -8.29 -0.60
N ILE D 51 -13.18 -9.00 0.38
CA ILE D 51 -13.47 -8.70 1.78
C ILE D 51 -12.29 -9.05 2.69
N ASP D 52 -12.14 -8.27 3.75
CA ASP D 52 -11.07 -8.49 4.72
C ASP D 52 -11.51 -9.47 5.80
N GLY D 57 -14.18 -5.50 6.36
CA GLY D 57 -14.05 -4.56 5.23
C GLY D 57 -14.29 -5.28 3.91
N THR D 58 -14.93 -4.58 2.97
CA THR D 58 -15.21 -5.17 1.66
C THR D 58 -15.21 -4.16 0.51
N LYS D 59 -14.65 -4.57 -0.62
CA LYS D 59 -14.61 -3.75 -1.83
C LYS D 59 -15.44 -4.43 -2.91
N TYR D 60 -16.28 -3.65 -3.60
CA TYR D 60 -17.16 -4.19 -4.63
C TYR D 60 -16.91 -3.61 -6.01
N ASN D 61 -17.27 -4.40 -7.03
CA ASN D 61 -17.21 -3.95 -8.41
C ASN D 61 -18.53 -3.24 -8.67
N GLU D 62 -18.48 -2.03 -9.20
CA GLU D 62 -19.69 -1.24 -9.42
C GLU D 62 -20.77 -1.96 -10.23
N LYS D 63 -20.54 -3.23 -10.53
CA LYS D 63 -21.49 -4.04 -11.27
C LYS D 63 -22.16 -5.10 -10.38
N PHE D 64 -21.61 -5.30 -9.18
CA PHE D 64 -22.15 -6.31 -8.26
C PHE D 64 -22.48 -5.78 -6.88
N LYS D 65 -22.45 -4.47 -6.70
CA LYS D 65 -22.75 -3.87 -5.40
C LYS D 65 -24.17 -4.22 -4.95
N SER D 66 -25.14 -4.01 -5.83
CA SER D 66 -26.55 -4.29 -5.53
C SER D 66 -26.97 -5.66 -6.05
N LYS D 67 -26.08 -6.64 -5.94
CA LYS D 67 -26.36 -8.00 -6.40
C LYS D 67 -25.81 -9.02 -5.43
N ALA D 68 -24.54 -8.88 -5.08
CA ALA D 68 -23.89 -9.80 -4.16
C ALA D 68 -23.61 -9.12 -2.82
N THR D 69 -23.37 -9.94 -1.79
CA THR D 69 -23.09 -9.44 -0.46
C THR D 69 -22.12 -10.39 0.25
N LEU D 70 -20.85 -10.01 0.27
CA LEU D 70 -19.83 -10.83 0.90
C LEU D 70 -19.80 -10.64 2.42
N THR D 71 -19.44 -11.70 3.12
CA THR D 71 -19.36 -11.66 4.58
C THR D 71 -18.26 -12.60 5.07
N VAL D 72 -18.21 -12.82 6.38
CA VAL D 72 -17.19 -13.68 6.97
C VAL D 72 -17.71 -14.39 8.21
N SER D 77 -13.08 -20.23 9.99
CA SER D 77 -12.46 -19.88 8.72
C SER D 77 -13.45 -20.09 7.57
N THR D 78 -14.49 -19.27 7.51
CA THR D 78 -15.50 -19.40 6.46
C THR D 78 -16.06 -18.07 5.96
N ALA D 79 -16.02 -17.89 4.65
CA ALA D 79 -16.57 -16.69 4.03
C ALA D 79 -17.89 -17.02 3.34
N TYR D 80 -18.65 -16.00 3.00
CA TYR D 80 -19.95 -16.20 2.35
C TYR D 80 -20.21 -15.13 1.29
N MET D 81 -21.02 -15.49 0.30
CA MET D 81 -21.36 -14.57 -0.78
C MET D 81 -22.83 -14.74 -1.18
N GLN D 82 -23.66 -13.77 -0.79
CA GLN D 82 -25.09 -13.82 -1.07
C GLN D 82 -25.45 -13.21 -2.42
N LEU D 83 -26.39 -13.86 -3.12
CA LEU D 83 -26.87 -13.37 -4.40
C LEU D 83 -28.38 -13.13 -4.33
N SER D 84 -28.76 -11.86 -4.28
CA SER D 84 -30.17 -11.49 -4.18
C SER D 84 -30.79 -11.19 -5.55
N SER D 85 -32.12 -11.26 -5.61
CA SER D 85 -32.86 -10.99 -6.85
C SER D 85 -32.22 -11.67 -8.07
N LEU D 86 -32.03 -12.98 -7.97
CA LEU D 86 -31.41 -13.75 -9.06
C LEU D 86 -32.19 -13.64 -10.36
N ASP D 90 -26.85 -14.36 -13.67
CA ASP D 90 -26.37 -14.78 -12.36
C ASP D 90 -26.15 -16.28 -12.32
N SER D 91 -26.24 -16.91 -13.48
CA SER D 91 -26.04 -18.35 -13.61
C SER D 91 -24.64 -18.63 -14.18
N ALA D 92 -23.78 -19.21 -13.35
CA ALA D 92 -22.41 -19.50 -13.76
C ALA D 92 -21.60 -20.09 -12.60
N VAL D 93 -20.32 -20.37 -12.86
CA VAL D 93 -19.44 -20.91 -11.84
C VAL D 93 -18.89 -19.78 -10.97
N TYR D 94 -18.87 -20.01 -9.65
CA TYR D 94 -18.39 -18.99 -8.72
C TYR D 94 -17.19 -19.48 -7.90
N TYR D 95 -16.12 -18.67 -7.90
CA TYR D 95 -14.90 -19.03 -7.19
C TYR D 95 -14.57 -18.08 -6.05
N CYS D 96 -13.80 -18.60 -5.09
CA CYS D 96 -13.30 -17.80 -3.97
C CYS D 96 -11.79 -17.97 -3.93
N ALA D 97 -11.07 -16.85 -4.03
CA ALA D 97 -9.60 -16.89 -4.05
C ALA D 97 -9.00 -15.96 -3.00
N ARG D 98 -8.00 -16.46 -2.28
CA ARG D 98 -7.35 -15.64 -1.25
C ARG D 98 -6.25 -14.76 -1.84
N MET D 99 -6.04 -13.61 -1.22
CA MET D 99 -5.03 -12.67 -1.69
C MET D 99 -4.04 -12.25 -0.60
N TRP D 100 -2.76 -12.41 -0.91
CA TRP D 100 -1.69 -11.96 -0.04
C TRP D 100 -1.42 -10.51 -0.43
N TYR D 101 -1.55 -9.59 0.52
CA TYR D 101 -1.41 -8.15 0.24
C TYR D 101 -0.27 -7.49 1.00
N TYR D 102 0.63 -8.29 1.57
CA TYR D 102 1.73 -7.75 2.36
C TYR D 102 2.94 -7.35 1.52
N GLY D 103 2.91 -6.13 1.00
CA GLY D 103 4.00 -5.61 0.18
C GLY D 103 3.73 -5.83 -1.30
N THR D 104 2.58 -6.43 -1.60
CA THR D 104 2.17 -6.71 -2.97
C THR D 104 0.79 -7.36 -2.98
N TYR D 105 0.14 -7.39 -4.15
CA TYR D 105 -1.18 -7.99 -4.27
C TYR D 105 -1.19 -9.11 -5.32
N TYR D 106 -1.34 -10.35 -4.85
CA TYR D 106 -1.39 -11.50 -5.74
C TYR D 106 -2.28 -12.62 -5.21
N PHE D 107 -2.92 -13.35 -6.13
CA PHE D 107 -3.74 -14.48 -5.75
C PHE D 107 -2.83 -15.70 -5.69
N ASP D 108 -3.16 -16.65 -4.82
CA ASP D 108 -2.43 -17.91 -4.78
C ASP D 108 -3.39 -19.09 -4.84
N TYR D 109 -3.98 -19.42 -3.71
CA TYR D 109 -4.93 -20.54 -3.66
C TYR D 109 -6.31 -20.14 -4.14
N TRP D 110 -6.89 -20.99 -4.98
CA TRP D 110 -8.22 -20.75 -5.54
C TRP D 110 -9.20 -21.84 -5.13
N GLY D 111 -10.47 -21.49 -5.08
CA GLY D 111 -11.51 -22.45 -4.74
C GLY D 111 -11.92 -23.25 -5.98
N GLN D 112 -12.40 -24.47 -5.77
CA GLN D 112 -12.81 -25.34 -6.86
C GLN D 112 -13.93 -24.71 -7.69
N GLY D 113 -14.75 -23.89 -7.03
CA GLY D 113 -15.84 -23.21 -7.71
C GLY D 113 -17.20 -23.80 -7.36
N THR D 114 -18.26 -23.07 -7.69
CA THR D 114 -19.63 -23.50 -7.45
C THR D 114 -20.49 -23.18 -8.65
N THR D 115 -21.41 -24.08 -8.98
CA THR D 115 -22.29 -23.89 -10.12
C THR D 115 -23.69 -23.45 -9.72
N LEU D 116 -24.16 -22.37 -10.36
CA LEU D 116 -25.50 -21.83 -10.09
C LEU D 116 -26.19 -21.44 -11.40
N ALA E 2 26.08 5.84 -14.93
CA ALA E 2 26.86 4.64 -14.66
C ALA E 2 27.95 4.45 -15.70
N VAL E 3 29.07 3.88 -15.27
CA VAL E 3 30.17 3.61 -16.19
C VAL E 3 30.27 2.10 -16.38
N VAL E 4 30.32 1.67 -17.64
CA VAL E 4 30.41 0.23 -17.94
C VAL E 4 31.81 -0.07 -18.46
N THR E 5 32.51 -0.95 -17.75
CA THR E 5 33.90 -1.24 -18.09
C THR E 5 34.17 -2.63 -18.68
N GLN E 6 34.96 -2.65 -19.76
CA GLN E 6 35.37 -3.88 -20.45
C GLN E 6 36.90 -3.92 -20.57
N GLU E 7 37.47 -5.11 -20.77
CA GLU E 7 38.92 -5.20 -20.99
C GLU E 7 39.21 -4.38 -22.25
N SER E 8 40.26 -3.58 -22.21
CA SER E 8 40.60 -2.76 -23.38
C SER E 8 40.90 -3.64 -24.58
N ALA E 9 41.71 -4.67 -24.37
CA ALA E 9 42.13 -5.54 -25.47
C ALA E 9 42.53 -6.92 -24.96
N LEU E 10 42.16 -7.95 -25.70
CA LEU E 10 42.51 -9.31 -25.31
C LEU E 10 43.07 -10.07 -26.49
N THR E 11 44.01 -10.97 -26.20
CA THR E 11 44.64 -11.78 -27.23
C THR E 11 44.32 -13.24 -27.01
N THR E 12 43.97 -13.94 -28.08
CA THR E 12 43.73 -15.37 -27.99
C THR E 12 44.35 -16.03 -29.22
N SER E 13 44.38 -17.36 -29.22
CA SER E 13 44.88 -18.12 -30.36
C SER E 13 43.69 -18.93 -30.87
N PRO E 14 43.75 -19.35 -32.12
CA PRO E 14 42.65 -20.13 -32.69
C PRO E 14 42.39 -21.42 -31.92
N GLY E 15 41.12 -21.73 -31.72
CA GLY E 15 40.71 -22.97 -31.06
C GLY E 15 40.67 -22.89 -29.55
N GLU E 16 41.06 -21.74 -29.01
CA GLU E 16 41.06 -21.55 -27.56
C GLU E 16 39.76 -20.94 -27.06
N THR E 17 39.62 -20.88 -25.74
CA THR E 17 38.44 -20.30 -25.13
C THR E 17 38.82 -18.98 -24.48
N VAL E 18 38.06 -17.94 -24.79
CA VAL E 18 38.35 -16.64 -24.23
C VAL E 18 37.09 -16.02 -23.67
N THR E 19 37.24 -15.35 -22.54
CA THR E 19 36.12 -14.74 -21.87
C THR E 19 36.31 -13.25 -21.71
N LEU E 20 35.32 -12.50 -22.21
CA LEU E 20 35.28 -11.05 -22.11
C LEU E 20 34.31 -10.68 -20.99
N THR E 21 34.62 -9.65 -20.23
CA THR E 21 33.76 -9.22 -19.13
C THR E 21 33.22 -7.80 -19.25
N CYS E 22 32.15 -7.54 -18.51
CA CYS E 22 31.40 -6.29 -18.55
C CYS E 22 31.03 -5.93 -17.13
N ARG E 23 31.68 -4.90 -16.60
CA ARG E 23 31.48 -4.50 -15.22
C ARG E 23 30.63 -3.25 -15.11
N SER E 24 29.85 -3.18 -14.04
CA SER E 24 29.02 -2.01 -13.79
C SER E 24 29.62 -1.23 -12.62
N SER E 25 29.71 0.09 -12.76
CA SER E 25 30.26 0.93 -11.71
C SER E 25 29.33 1.00 -10.49
N THR E 26 28.05 0.72 -10.69
CA THR E 26 27.05 0.82 -9.62
C THR E 26 26.99 -0.37 -8.67
N GLY E 27 27.59 -1.49 -9.07
CA GLY E 27 27.55 -2.71 -8.26
C GLY E 27 27.55 -3.93 -9.17
N ALA E 28 27.03 -5.05 -8.66
CA ALA E 28 27.01 -6.28 -9.43
C ALA E 28 26.06 -6.21 -10.62
N VAL E 29 26.44 -6.83 -11.73
CA VAL E 29 25.57 -6.90 -12.89
C VAL E 29 24.55 -8.00 -12.59
N THR E 30 23.29 -7.77 -12.97
CA THR E 30 22.24 -8.75 -12.71
C THR E 30 21.41 -8.98 -13.96
N THR E 31 20.57 -10.02 -13.93
CA THR E 31 19.75 -10.34 -15.08
C THR E 31 18.87 -9.17 -15.44
N SER E 32 18.61 -8.31 -14.46
CA SER E 32 17.79 -7.13 -14.71
C SER E 32 18.53 -6.04 -15.49
N ASN E 33 19.82 -6.27 -15.77
CA ASN E 33 20.60 -5.36 -16.62
C ASN E 33 20.52 -5.82 -18.07
N TYR E 34 19.96 -7.01 -18.28
CA TYR E 34 19.78 -7.59 -19.62
C TYR E 34 20.96 -7.40 -20.55
N ALA E 35 22.16 -7.69 -20.05
CA ALA E 35 23.40 -7.51 -20.82
C ALA E 35 23.36 -7.94 -22.29
N ASN E 36 23.73 -7.01 -23.17
CA ASN E 36 23.84 -7.26 -24.59
C ASN E 36 25.32 -7.27 -24.99
N TRP E 37 25.62 -7.99 -26.06
CA TRP E 37 26.98 -8.04 -26.59
C TRP E 37 26.83 -7.90 -28.10
N VAL E 38 27.60 -6.98 -28.66
CA VAL E 38 27.52 -6.68 -30.09
C VAL E 38 28.94 -6.70 -30.66
N GLN E 39 29.07 -7.12 -31.91
CA GLN E 39 30.39 -7.27 -32.49
C GLN E 39 30.60 -6.30 -33.62
N GLU E 40 31.70 -5.56 -33.58
CA GLU E 40 32.03 -4.66 -34.66
C GLU E 40 33.23 -5.15 -35.44
N LYS E 41 33.05 -5.31 -36.74
CA LYS E 41 34.13 -5.74 -37.63
C LYS E 41 34.52 -4.58 -38.54
N PRO E 42 35.75 -4.62 -39.06
CA PRO E 42 36.26 -3.53 -39.88
C PRO E 42 35.27 -3.14 -40.96
N ASP E 43 35.21 -1.85 -41.23
CA ASP E 43 34.28 -1.27 -42.15
C ASP E 43 32.97 -0.96 -41.47
N HIS E 44 33.05 -0.77 -40.16
CA HIS E 44 31.89 -0.42 -39.34
C HIS E 44 30.75 -1.42 -39.56
N LEU E 45 31.04 -2.69 -39.41
CA LEU E 45 30.07 -3.75 -39.61
C LEU E 45 29.65 -4.32 -38.26
N PHE E 46 28.48 -3.93 -37.79
CA PHE E 46 27.99 -4.37 -36.48
C PHE E 46 27.06 -5.55 -36.56
N THR E 47 27.15 -6.42 -35.55
CA THR E 47 26.31 -7.60 -35.48
C THR E 47 25.93 -7.84 -34.02
N GLY E 48 24.64 -7.92 -33.73
CA GLY E 48 24.20 -8.21 -32.38
C GLY E 48 24.45 -9.70 -32.13
N LEU E 49 25.00 -10.03 -30.96
CA LEU E 49 25.28 -11.42 -30.66
C LEU E 49 24.35 -11.98 -29.59
N ILE E 50 24.31 -11.29 -28.48
CA ILE E 50 23.60 -11.75 -27.32
C ILE E 50 22.85 -10.63 -26.65
N GLY E 51 21.72 -10.96 -26.05
CA GLY E 51 20.90 -10.00 -25.33
C GLY E 51 20.32 -10.70 -24.12
N GLY E 52 19.87 -9.91 -23.14
CA GLY E 52 19.30 -10.47 -21.93
C GLY E 52 20.26 -11.42 -21.21
N THR E 53 21.54 -11.03 -21.14
CA THR E 53 22.56 -11.85 -20.47
C THR E 53 23.02 -13.08 -21.25
N ASN E 54 22.06 -13.96 -21.59
CA ASN E 54 22.41 -15.26 -22.19
C ASN E 54 21.69 -15.72 -23.47
N ASN E 55 20.82 -14.89 -24.05
CA ASN E 55 20.11 -15.29 -25.29
C ASN E 55 20.79 -14.80 -26.56
N ARG E 56 21.06 -15.73 -27.46
CA ARG E 56 21.69 -15.43 -28.72
C ARG E 56 20.69 -14.99 -29.78
N ALA E 57 21.07 -13.99 -30.57
CA ALA E 57 20.26 -13.56 -31.69
C ALA E 57 20.32 -14.70 -32.71
N PRO E 58 19.36 -14.75 -33.61
CA PRO E 58 19.33 -15.84 -34.60
C PRO E 58 20.52 -15.78 -35.57
N GLY E 59 21.08 -16.94 -35.89
CA GLY E 59 22.19 -17.01 -36.84
C GLY E 59 23.56 -16.81 -36.19
N VAL E 60 23.57 -16.45 -34.91
CA VAL E 60 24.83 -16.24 -34.21
C VAL E 60 25.44 -17.61 -33.87
N PRO E 61 26.72 -17.78 -34.17
CA PRO E 61 27.37 -19.07 -33.89
C PRO E 61 27.22 -19.42 -32.42
N ALA E 62 27.00 -20.71 -32.15
CA ALA E 62 26.77 -21.20 -30.80
C ALA E 62 28.01 -21.10 -29.92
N ARG E 63 29.18 -20.93 -30.55
CA ARG E 63 30.42 -20.79 -29.77
C ARG E 63 30.39 -19.53 -28.91
N PHE E 64 29.48 -18.60 -29.24
CA PHE E 64 29.31 -17.39 -28.43
C PHE E 64 28.23 -17.68 -27.38
N SER E 65 28.58 -17.54 -26.11
CA SER E 65 27.61 -17.72 -25.05
C SER E 65 27.74 -16.62 -24.00
N GLY E 66 26.63 -16.27 -23.37
CA GLY E 66 26.62 -15.23 -22.35
C GLY E 66 26.20 -15.77 -20.99
N SER E 67 26.68 -15.12 -19.93
CA SER E 67 26.36 -15.52 -18.56
C SER E 67 26.77 -14.42 -17.60
N LEU E 68 26.57 -14.66 -16.31
CA LEU E 68 27.04 -13.77 -15.27
C LEU E 68 28.12 -14.57 -14.54
N ILE E 69 29.31 -13.98 -14.39
CA ILE E 69 30.40 -14.62 -13.66
C ILE E 69 30.76 -13.68 -12.52
N GLY E 70 30.53 -14.11 -11.30
CA GLY E 70 30.72 -13.25 -10.15
C GLY E 70 29.84 -12.02 -10.30
N ASN E 71 30.46 -10.84 -10.21
CA ASN E 71 29.77 -9.55 -10.30
C ASN E 71 29.61 -9.02 -11.72
N LYS E 72 30.11 -9.76 -12.70
CA LYS E 72 30.10 -9.25 -14.06
C LYS E 72 29.32 -10.07 -15.08
N ALA E 73 28.95 -9.42 -16.17
CA ALA E 73 28.37 -10.11 -17.31
C ALA E 73 29.57 -10.59 -18.13
N ALA E 74 29.45 -11.76 -18.75
CA ALA E 74 30.57 -12.33 -19.49
C ALA E 74 30.18 -12.89 -20.84
N LEU E 75 31.05 -12.71 -21.82
CA LEU E 75 30.86 -13.27 -23.14
C LEU E 75 31.97 -14.29 -23.35
N THR E 76 31.60 -15.55 -23.50
CA THR E 76 32.58 -16.61 -23.70
C THR E 76 32.57 -17.07 -25.14
N ILE E 77 33.75 -17.15 -25.73
CA ILE E 77 33.88 -17.64 -27.09
C ILE E 77 34.66 -18.94 -26.99
N THR E 78 33.95 -20.05 -27.19
CA THR E 78 34.54 -21.37 -27.05
C THR E 78 35.04 -21.86 -28.41
N GLY E 79 36.37 -21.85 -28.58
CA GLY E 79 36.99 -22.24 -29.84
C GLY E 79 37.06 -21.04 -30.78
N ALA E 80 37.92 -20.08 -30.43
CA ALA E 80 38.06 -18.86 -31.21
C ALA E 80 38.44 -19.12 -32.66
N GLN E 81 37.79 -18.38 -33.56
CA GLN E 81 38.04 -18.49 -34.98
C GLN E 81 38.75 -17.20 -35.44
N THR E 82 39.47 -17.27 -36.54
CA THR E 82 40.17 -16.08 -37.04
C THR E 82 39.20 -14.95 -37.36
N GLU E 83 38.03 -15.30 -37.90
CA GLU E 83 37.00 -14.31 -38.21
C GLU E 83 36.41 -13.62 -36.97
N ASP E 84 36.73 -14.15 -35.78
CA ASP E 84 36.23 -13.56 -34.54
C ASP E 84 37.03 -12.32 -34.12
N GLU E 85 38.14 -12.07 -34.80
CA GLU E 85 38.95 -10.89 -34.49
C GLU E 85 38.07 -9.67 -34.74
N ALA E 86 37.81 -8.89 -33.69
CA ALA E 86 36.88 -7.77 -33.82
C ALA E 86 36.86 -6.97 -32.54
N ILE E 87 35.98 -5.97 -32.49
CA ILE E 87 35.76 -5.21 -31.27
C ILE E 87 34.38 -5.58 -30.72
N TYR E 88 34.36 -6.03 -29.46
CA TYR E 88 33.13 -6.45 -28.81
C TYR E 88 32.67 -5.42 -27.78
N PHE E 89 31.45 -4.93 -27.96
CA PHE E 89 30.89 -3.98 -27.02
C PHE E 89 29.81 -4.66 -26.17
N CYS E 90 29.80 -4.41 -24.89
CA CYS E 90 28.71 -4.87 -24.06
C CYS E 90 27.86 -3.65 -23.72
N ALA E 91 26.59 -3.88 -23.37
CA ALA E 91 25.69 -2.80 -23.00
C ALA E 91 24.81 -3.26 -21.85
N LEU E 92 24.63 -2.39 -20.87
CA LEU E 92 23.80 -2.73 -19.71
C LEU E 92 22.59 -1.81 -19.60
N TRP E 93 21.44 -2.39 -19.27
CA TRP E 93 20.20 -1.62 -19.11
C TRP E 93 20.05 -1.19 -17.65
N TYR E 94 19.82 0.11 -17.44
CA TYR E 94 19.66 0.65 -16.10
C TYR E 94 18.26 1.23 -15.91
N SER E 95 17.28 0.38 -15.69
CA SER E 95 15.87 0.74 -15.41
C SER E 95 15.16 1.81 -16.29
N ASN E 96 15.84 2.40 -17.30
CA ASN E 96 15.22 3.28 -18.33
C ASN E 96 16.20 3.56 -19.49
N HIS E 97 17.48 3.45 -19.25
CA HIS E 97 18.41 3.68 -20.33
C HIS E 97 19.49 2.62 -20.37
N LEU E 98 20.15 2.58 -21.51
CA LEU E 98 21.20 1.63 -21.85
C LEU E 98 22.58 2.26 -21.78
N VAL E 99 23.58 1.53 -21.32
CA VAL E 99 24.90 2.10 -21.34
C VAL E 99 25.81 1.10 -22.02
N PHE E 100 26.65 1.62 -22.89
CA PHE E 100 27.61 0.78 -23.56
C PHE E 100 28.93 0.83 -22.80
N GLY E 101 29.64 -0.29 -22.80
CA GLY E 101 30.99 -0.34 -22.26
C GLY E 101 31.89 0.27 -23.36
N GLY E 102 33.18 0.40 -23.09
CA GLY E 102 34.10 1.02 -24.04
C GLY E 102 34.57 0.11 -25.17
N GLY E 103 34.21 -1.17 -25.11
CA GLY E 103 34.58 -2.13 -26.16
C GLY E 103 35.88 -2.88 -25.85
N THR E 104 35.93 -4.14 -26.29
CA THR E 104 37.12 -4.95 -26.12
C THR E 104 37.61 -5.37 -27.48
N LYS E 105 38.84 -4.99 -27.82
CA LYS E 105 39.44 -5.40 -29.07
C LYS E 105 40.00 -6.80 -28.89
N LEU E 106 39.47 -7.77 -29.62
CA LEU E 106 39.97 -9.13 -29.55
C LEU E 106 40.90 -9.43 -30.70
N THR E 107 42.09 -9.91 -30.38
CA THR E 107 43.05 -10.29 -31.41
C THR E 107 43.22 -11.79 -31.37
N VAL E 108 43.13 -12.41 -32.53
CA VAL E 108 43.29 -13.86 -32.63
C VAL E 108 44.59 -14.18 -33.36
N LEU E 109 45.53 -14.81 -32.65
CA LEU E 109 46.83 -15.18 -33.21
C LEU E 109 46.76 -16.38 -34.13
N VAL F 3 2.23 20.31 10.03
CA VAL F 3 2.45 20.55 11.45
C VAL F 3 1.74 19.51 12.31
N VAL F 4 2.51 18.76 13.09
CA VAL F 4 1.97 17.70 13.95
C VAL F 4 2.19 18.04 15.43
N THR F 5 1.10 18.36 16.12
CA THR F 5 1.16 18.76 17.53
C THR F 5 1.00 17.61 18.53
N GLN F 6 1.92 17.54 19.48
CA GLN F 6 1.87 16.55 20.55
C GLN F 6 1.88 17.28 21.88
N GLU F 7 1.31 16.67 22.92
CA GLU F 7 1.36 17.26 24.24
C GLU F 7 2.84 17.40 24.59
N SER F 8 3.21 18.50 25.21
CA SER F 8 4.59 18.73 25.57
C SER F 8 5.07 17.74 26.63
N ALA F 9 4.31 17.64 27.72
CA ALA F 9 4.69 16.76 28.82
C ALA F 9 3.47 16.20 29.55
N LEU F 10 3.59 14.97 30.02
CA LEU F 10 2.51 14.33 30.76
C LEU F 10 3.07 13.56 31.94
N THR F 11 2.32 13.54 33.04
CA THR F 11 2.74 12.81 34.22
C THR F 11 1.71 11.75 34.60
N THR F 12 2.19 10.53 34.83
CA THR F 12 1.35 9.43 35.24
C THR F 12 2.04 8.68 36.39
N SER F 13 1.42 7.62 36.88
CA SER F 13 1.98 6.82 37.99
C SER F 13 1.91 5.36 37.60
N PRO F 14 2.74 4.53 38.23
CA PRO F 14 2.74 3.10 37.91
C PRO F 14 1.33 2.50 38.02
N GLY F 15 0.98 1.64 37.07
CA GLY F 15 -0.33 0.99 37.06
C GLY F 15 -1.42 1.82 36.37
N GLU F 16 -1.31 3.16 36.44
CA GLU F 16 -2.33 4.03 35.85
C GLU F 16 -2.47 3.86 34.35
N THR F 17 -3.44 4.56 33.79
CA THR F 17 -3.65 4.53 32.37
C THR F 17 -3.39 5.93 31.86
N VAL F 18 -2.59 6.03 30.81
CA VAL F 18 -2.27 7.33 30.26
C VAL F 18 -2.40 7.31 28.77
N THR F 19 -2.92 8.39 28.22
CA THR F 19 -3.12 8.48 26.79
C THR F 19 -2.45 9.73 26.22
N LEU F 20 -1.65 9.53 25.18
CA LEU F 20 -0.97 10.62 24.50
C LEU F 20 -1.64 10.81 23.14
N THR F 21 -1.75 12.06 22.68
CA THR F 21 -2.37 12.31 21.38
C THR F 21 -1.43 12.92 20.34
N CYS F 22 -1.84 12.78 19.08
CA CYS F 22 -1.08 13.24 17.94
C CYS F 22 -2.05 14.02 17.03
N ARG F 23 -1.86 15.33 16.96
CA ARG F 23 -2.78 16.21 16.20
C ARG F 23 -2.24 16.65 14.84
N ALA F 28 -7.59 16.44 10.32
CA ALA F 28 -7.98 15.28 11.10
C ALA F 28 -7.16 14.06 10.72
N VAL F 29 -6.57 13.40 11.72
CA VAL F 29 -5.76 12.21 11.48
C VAL F 29 -6.66 11.04 11.09
N THR F 30 -6.21 10.27 10.11
CA THR F 30 -6.96 9.10 9.63
C THR F 30 -6.02 7.92 9.42
N THR F 31 -6.59 6.75 9.18
CA THR F 31 -5.80 5.55 8.96
C THR F 31 -4.85 5.75 7.78
N SER F 32 -5.27 6.57 6.82
CA SER F 32 -4.46 6.87 5.65
C SER F 32 -3.19 7.60 6.08
N ASN F 33 -3.19 8.09 7.32
CA ASN F 33 -2.03 8.79 7.86
C ASN F 33 -1.00 7.81 8.44
N TYR F 34 -1.43 6.57 8.66
CA TYR F 34 -0.54 5.52 9.17
C TYR F 34 0.34 5.97 10.34
N ALA F 35 -0.28 6.64 11.32
CA ALA F 35 0.41 7.14 12.49
C ALA F 35 1.39 6.17 13.14
N ASN F 36 2.62 6.64 13.35
CA ASN F 36 3.67 5.86 14.00
C ASN F 36 3.94 6.46 15.38
N TRP F 37 4.41 5.63 16.31
CA TRP F 37 4.80 6.08 17.64
C TRP F 37 6.19 5.55 17.94
N VAL F 38 7.08 6.47 18.32
CA VAL F 38 8.47 6.13 18.58
C VAL F 38 8.86 6.50 20.01
N GLN F 39 9.63 5.63 20.66
CA GLN F 39 10.03 5.86 22.05
C GLN F 39 11.51 6.18 22.22
N GLU F 40 11.81 7.31 22.86
CA GLU F 40 13.20 7.68 23.14
C GLU F 40 13.52 7.65 24.63
N LYS F 41 14.42 6.75 25.02
CA LYS F 41 14.88 6.67 26.40
C LYS F 41 16.21 7.44 26.48
N PRO F 42 16.64 7.79 27.70
CA PRO F 42 17.89 8.51 27.90
C PRO F 42 19.10 7.69 27.48
N ASP F 43 20.06 8.46 26.60
CA ASP F 43 21.19 7.94 25.88
C ASP F 43 20.84 7.74 24.42
N HIS F 44 19.79 8.68 23.96
CA HIS F 44 19.38 8.71 22.56
C HIS F 44 19.00 7.32 22.12
N LEU F 45 18.39 6.55 23.02
CA LEU F 45 17.91 5.21 22.70
C LEU F 45 16.51 5.26 22.09
N PHE F 46 16.44 5.29 20.76
CA PHE F 46 15.17 5.33 20.05
C PHE F 46 14.64 3.92 19.78
N THR F 47 13.31 3.79 19.81
CA THR F 47 12.67 2.50 19.60
C THR F 47 11.28 2.66 18.99
N GLY F 48 11.03 1.95 17.89
CA GLY F 48 9.72 1.98 17.25
C GLY F 48 8.73 1.17 18.09
N LEU F 49 7.54 1.72 18.29
CA LEU F 49 6.51 1.07 19.12
C LEU F 49 5.28 0.67 18.30
N ILE F 50 4.70 1.62 17.60
CA ILE F 50 3.48 1.37 16.83
C ILE F 50 3.48 2.10 15.50
N GLY F 51 2.83 1.50 14.50
CA GLY F 51 2.74 2.10 13.17
C GLY F 51 1.39 1.74 12.54
N GLY F 52 1.00 2.50 11.52
CA GLY F 52 -0.27 2.25 10.85
C GLY F 52 -1.43 2.41 11.82
N THR F 53 -1.30 3.38 12.72
CA THR F 53 -2.34 3.69 13.70
C THR F 53 -2.36 2.77 14.93
N ASN F 54 -2.41 1.46 14.71
CA ASN F 54 -2.54 0.51 15.82
C ASN F 54 -1.67 -0.73 15.69
N ASN F 55 -0.82 -0.79 14.68
CA ASN F 55 0.04 -1.95 14.49
C ASN F 55 1.28 -1.87 15.35
N ARG F 56 1.46 -2.87 16.22
CA ARG F 56 2.60 -2.91 17.13
C ARG F 56 3.81 -3.58 16.49
N ALA F 57 4.99 -3.00 16.70
CA ALA F 57 6.21 -3.58 16.18
C ALA F 57 6.49 -4.84 16.99
N PRO F 58 7.38 -5.70 16.49
CA PRO F 58 7.71 -6.94 17.17
C PRO F 58 8.35 -6.64 18.53
N GLY F 59 7.92 -7.39 19.55
CA GLY F 59 8.48 -7.23 20.89
C GLY F 59 7.77 -6.17 21.75
N VAL F 60 7.07 -5.25 21.10
CA VAL F 60 6.36 -4.19 21.83
C VAL F 60 5.25 -4.74 22.72
N PRO F 61 5.41 -4.60 24.03
CA PRO F 61 4.43 -5.10 25.00
C PRO F 61 2.99 -4.73 24.65
N ALA F 62 2.07 -5.62 25.01
CA ALA F 62 0.65 -5.42 24.73
C ALA F 62 0.04 -4.22 25.44
N ARG F 63 0.64 -3.80 26.56
CA ARG F 63 0.10 -2.66 27.32
C ARG F 63 0.10 -1.35 26.52
N PHE F 64 0.85 -1.33 25.42
CA PHE F 64 0.90 -0.17 24.53
C PHE F 64 -0.12 -0.38 23.41
N SER F 65 -1.02 0.58 23.23
CA SER F 65 -2.02 0.48 22.19
C SER F 65 -2.29 1.82 21.53
N GLY F 66 -2.32 1.81 20.20
CA GLY F 66 -2.59 3.02 19.44
C GLY F 66 -4.01 2.95 18.90
N SER F 67 -4.55 4.11 18.54
CA SER F 67 -5.90 4.19 18.02
C SER F 67 -6.18 5.60 17.53
N LEU F 68 -7.42 5.84 17.14
CA LEU F 68 -7.86 7.16 16.75
C LEU F 68 -8.94 7.58 17.73
N ILE F 69 -8.86 8.81 18.20
CA ILE F 69 -9.85 9.35 19.11
C ILE F 69 -10.31 10.66 18.52
N GLY F 70 -11.54 10.69 18.06
CA GLY F 70 -12.04 11.85 17.35
C GLY F 70 -11.14 12.00 16.11
N ASN F 71 -10.65 13.22 15.89
CA ASN F 71 -9.78 13.50 14.76
C ASN F 71 -8.30 13.48 15.11
N LYS F 72 -7.94 12.71 16.14
CA LYS F 72 -6.55 12.62 16.57
C LYS F 72 -6.09 11.17 16.65
N ALA F 73 -4.78 10.97 16.50
CA ALA F 73 -4.17 9.65 16.68
C ALA F 73 -3.77 9.59 18.15
N ALA F 74 -3.85 8.42 18.75
CA ALA F 74 -3.56 8.31 20.17
C ALA F 74 -2.74 7.10 20.56
N LEU F 75 -1.88 7.28 21.56
CA LEU F 75 -1.12 6.19 22.12
C LEU F 75 -1.53 6.08 23.57
N THR F 76 -2.10 4.94 23.91
CA THR F 76 -2.54 4.70 25.27
C THR F 76 -1.65 3.65 25.89
N ILE F 77 -1.33 3.85 27.16
CA ILE F 77 -0.59 2.87 27.92
C ILE F 77 -1.47 2.46 29.09
N THR F 78 -1.97 1.23 29.04
CA THR F 78 -2.83 0.70 30.07
C THR F 78 -1.95 -0.08 31.04
N GLY F 79 -1.82 0.42 32.26
CA GLY F 79 -0.92 -0.17 33.23
C GLY F 79 0.49 0.34 32.95
N ALA F 80 0.68 1.65 33.11
CA ALA F 80 1.98 2.27 32.85
C ALA F 80 3.07 1.73 33.77
N GLN F 81 4.21 1.37 33.18
CA GLN F 81 5.35 0.86 33.96
C GLN F 81 6.41 1.93 34.20
N THR F 82 7.15 1.79 35.29
CA THR F 82 8.23 2.72 35.65
C THR F 82 9.15 2.92 34.44
N GLU F 83 9.42 1.81 33.75
CA GLU F 83 10.29 1.81 32.58
C GLU F 83 9.66 2.47 31.36
N ASP F 84 8.40 2.86 31.46
CA ASP F 84 7.73 3.53 30.35
C ASP F 84 8.06 5.02 30.34
N GLU F 85 8.71 5.50 31.41
CA GLU F 85 9.13 6.89 31.47
C GLU F 85 10.07 7.12 30.28
N ALA F 86 9.68 8.03 29.41
CA ALA F 86 10.45 8.26 28.19
C ALA F 86 9.83 9.39 27.40
N ILE F 87 10.40 9.67 26.24
CA ILE F 87 9.87 10.67 25.34
C ILE F 87 9.25 9.91 24.18
N TYR F 88 8.04 10.31 23.79
CA TYR F 88 7.32 9.62 22.73
C TYR F 88 7.04 10.51 21.52
N PHE F 89 7.55 10.09 20.37
CA PHE F 89 7.32 10.84 19.14
C PHE F 89 6.31 10.13 18.25
N CYS F 90 5.34 10.89 17.75
CA CYS F 90 4.40 10.36 16.78
C CYS F 90 4.79 10.93 15.42
N ALA F 91 4.47 10.19 14.37
CA ALA F 91 4.79 10.62 13.01
C ALA F 91 3.61 10.33 12.09
N LEU F 92 3.22 11.32 11.30
CA LEU F 92 2.11 11.17 10.36
C LEU F 92 2.61 11.24 8.91
N TRP F 93 2.01 10.38 8.09
CA TRP F 93 2.35 10.31 6.67
C TRP F 93 1.39 11.18 5.87
N TYR F 94 1.94 12.07 5.05
CA TYR F 94 1.12 12.97 4.23
C TYR F 94 1.34 12.70 2.75
N SER F 95 0.72 11.66 2.22
CA SER F 95 0.74 11.27 0.79
C SER F 95 2.08 11.24 0.02
N ASN F 96 3.23 11.58 0.66
CA ASN F 96 4.59 11.39 0.09
C ASN F 96 5.68 11.61 1.16
N HIS F 97 5.38 12.34 2.22
CA HIS F 97 6.37 12.52 3.24
C HIS F 97 5.79 12.35 4.63
N LEU F 98 6.68 12.17 5.57
CA LEU F 98 6.41 11.91 6.97
C LEU F 98 6.65 13.16 7.83
N VAL F 99 5.82 13.39 8.83
CA VAL F 99 6.11 14.51 9.70
C VAL F 99 6.10 13.99 11.12
N PHE F 100 7.07 14.43 11.88
CA PHE F 100 7.12 14.07 13.27
C PHE F 100 6.49 15.15 14.09
N GLY F 101 5.83 14.76 15.18
CA GLY F 101 5.33 15.70 16.16
C GLY F 101 6.54 16.13 17.00
N GLY F 102 6.23 17.02 17.91
CA GLY F 102 7.25 17.64 18.78
C GLY F 102 7.68 16.72 19.93
N GLY F 103 7.11 15.51 19.97
CA GLY F 103 7.44 14.53 21.02
C GLY F 103 6.81 14.87 22.37
N THR F 104 6.42 13.84 23.11
CA THR F 104 5.81 14.03 24.44
C THR F 104 6.72 13.46 25.53
N LYS F 105 7.09 14.30 26.49
CA LYS F 105 7.93 13.86 27.61
C LYS F 105 7.02 13.19 28.65
N LEU F 106 7.14 11.88 28.80
CA LEU F 106 6.32 11.16 29.77
C LEU F 106 7.08 10.81 31.03
N THR F 107 6.62 11.35 32.14
CA THR F 107 7.21 11.09 33.44
C THR F 107 6.33 10.06 34.16
N VAL F 108 6.93 8.93 34.57
CA VAL F 108 6.20 7.94 35.34
C VAL F 108 6.68 8.07 36.77
N LEU F 109 5.94 8.87 37.53
CA LEU F 109 6.31 9.25 38.89
C LEU F 109 5.64 8.35 39.92
N ALA G 2 -27.09 -4.21 14.11
CA ALA G 2 -26.78 -5.29 15.05
C ALA G 2 -27.77 -5.30 16.21
N VAL G 3 -28.03 -6.48 16.73
CA VAL G 3 -28.94 -6.62 17.85
C VAL G 3 -28.11 -7.02 19.08
N VAL G 4 -28.29 -6.30 20.18
CA VAL G 4 -27.56 -6.60 21.41
C VAL G 4 -28.51 -7.22 22.43
N THR G 5 -28.19 -8.44 22.85
CA THR G 5 -29.09 -9.18 23.74
C THR G 5 -28.59 -9.36 25.18
N GLN G 6 -29.50 -9.12 26.13
CA GLN G 6 -29.24 -9.27 27.57
C GLN G 6 -30.31 -10.17 28.19
N GLU G 7 -30.01 -10.75 29.35
CA GLU G 7 -31.03 -11.55 30.05
C GLU G 7 -32.18 -10.60 30.35
N SER G 8 -33.41 -11.03 30.12
CA SER G 8 -34.56 -10.17 30.38
C SER G 8 -34.63 -9.79 31.86
N ALA G 9 -34.46 -10.78 32.73
CA ALA G 9 -34.56 -10.54 34.16
C ALA G 9 -33.80 -11.58 34.95
N LEU G 10 -33.13 -11.15 36.02
CA LEU G 10 -32.39 -12.08 36.87
C LEU G 10 -32.69 -11.84 38.32
N THR G 11 -32.68 -12.92 39.09
CA THR G 11 -32.94 -12.85 40.52
C THR G 11 -31.71 -13.26 41.31
N THR G 12 -31.40 -12.51 42.35
CA THR G 12 -30.29 -12.87 43.22
C THR G 12 -30.72 -12.60 44.65
N SER G 13 -29.89 -13.03 45.60
CA SER G 13 -30.14 -12.78 47.02
C SER G 13 -28.99 -11.93 47.49
N PRO G 14 -29.18 -11.21 48.60
CA PRO G 14 -28.13 -10.35 49.13
C PRO G 14 -26.86 -11.14 49.46
N GLY G 15 -25.70 -10.57 49.13
CA GLY G 15 -24.42 -11.17 49.45
C GLY G 15 -23.92 -12.18 48.44
N GLU G 16 -24.73 -12.45 47.42
CA GLU G 16 -24.36 -13.42 46.39
C GLU G 16 -23.69 -12.74 45.21
N THR G 17 -23.18 -13.56 44.29
CA THR G 17 -22.51 -13.07 43.11
C THR G 17 -23.39 -13.36 41.90
N VAL G 18 -23.64 -12.33 41.10
CA VAL G 18 -24.47 -12.50 39.93
C VAL G 18 -23.80 -11.90 38.72
N THR G 19 -23.95 -12.58 37.59
CA THR G 19 -23.33 -12.15 36.36
C THR G 19 -24.36 -11.91 35.28
N LEU G 20 -24.32 -10.70 34.72
CA LEU G 20 -25.18 -10.30 33.62
C LEU G 20 -24.35 -10.35 32.34
N THR G 21 -24.98 -10.75 31.24
CA THR G 21 -24.28 -10.86 29.97
C THR G 21 -24.84 -9.98 28.85
N CYS G 22 -24.01 -9.74 27.85
CA CYS G 22 -24.30 -8.85 26.74
C CYS G 22 -23.79 -9.51 25.46
N ARG G 23 -24.71 -9.96 24.63
CA ARG G 23 -24.37 -10.69 23.43
C ARG G 23 -24.53 -9.83 22.19
N SER G 24 -23.67 -10.06 21.21
CA SER G 24 -23.76 -9.36 19.93
C SER G 24 -24.27 -10.31 18.86
N SER G 25 -25.21 -9.85 18.05
CA SER G 25 -25.77 -10.69 17.00
C SER G 25 -24.76 -10.94 15.87
N THR G 26 -23.76 -10.06 15.76
CA THR G 26 -22.77 -10.15 14.69
C THR G 26 -21.65 -11.16 14.92
N GLY G 27 -21.48 -11.61 16.16
CA GLY G 27 -20.41 -12.54 16.50
C GLY G 27 -19.94 -12.29 17.92
N ALA G 28 -18.70 -12.67 18.22
CA ALA G 28 -18.16 -12.49 19.57
C ALA G 28 -17.95 -11.02 19.92
N VAL G 29 -18.20 -10.68 21.18
CA VAL G 29 -17.94 -9.33 21.65
C VAL G 29 -16.44 -9.23 21.89
N THR G 30 -15.84 -8.10 21.54
CA THR G 30 -14.40 -7.93 21.71
C THR G 30 -14.10 -6.59 22.36
N THR G 31 -12.86 -6.40 22.79
CA THR G 31 -12.48 -5.17 23.46
C THR G 31 -12.73 -3.98 22.55
N SER G 32 -12.76 -4.24 21.25
CA SER G 32 -13.02 -3.18 20.28
C SER G 32 -14.51 -2.76 20.25
N ASN G 33 -15.34 -3.45 21.04
CA ASN G 33 -16.75 -3.07 21.18
C ASN G 33 -16.90 -2.13 22.38
N TYR G 34 -15.83 -2.01 23.16
CA TYR G 34 -15.78 -1.12 24.34
C TYR G 34 -17.05 -1.16 25.20
N ALA G 35 -17.52 -2.36 25.50
CA ALA G 35 -18.76 -2.55 26.27
C ALA G 35 -18.94 -1.63 27.47
N ASN G 36 -20.11 -0.95 27.48
CA ASN G 36 -20.51 -0.08 28.59
C ASN G 36 -21.66 -0.74 29.34
N TRP G 37 -21.77 -0.42 30.62
CA TRP G 37 -22.86 -0.90 31.45
C TRP G 37 -23.37 0.28 32.23
N VAL G 38 -24.68 0.49 32.19
CA VAL G 38 -25.30 1.64 32.85
C VAL G 38 -26.46 1.14 33.70
N GLN G 39 -26.72 1.80 34.81
CA GLN G 39 -27.73 1.33 35.74
C GLN G 39 -28.88 2.30 35.83
N GLU G 40 -30.09 1.79 35.66
CA GLU G 40 -31.26 2.64 35.80
C GLU G 40 -32.04 2.27 37.05
N LYS G 41 -32.26 3.25 37.91
CA LYS G 41 -33.05 3.05 39.13
C LYS G 41 -34.36 3.82 39.00
N PRO G 42 -35.37 3.39 39.77
CA PRO G 42 -36.69 3.99 39.69
C PRO G 42 -36.62 5.51 39.75
N ASP G 43 -37.49 6.13 38.98
CA ASP G 43 -37.53 7.56 38.83
C ASP G 43 -36.58 8.01 37.74
N HIS G 44 -36.31 7.09 36.82
CA HIS G 44 -35.44 7.36 35.67
C HIS G 44 -34.11 7.92 36.12
N LEU G 45 -33.45 7.22 37.03
CA LEU G 45 -32.16 7.66 37.57
C LEU G 45 -31.05 6.79 36.99
N PHE G 46 -30.33 7.33 36.02
CA PHE G 46 -29.27 6.59 35.34
C PHE G 46 -27.89 6.85 35.92
N THR G 47 -27.07 5.81 35.94
CA THR G 47 -25.71 5.91 36.43
C THR G 47 -24.80 5.06 35.57
N GLY G 48 -23.75 5.65 35.01
CA GLY G 48 -22.80 4.88 34.22
C GLY G 48 -21.94 4.08 35.19
N LEU G 49 -21.71 2.81 34.89
CA LEU G 49 -20.92 1.97 35.79
C LEU G 49 -19.57 1.63 35.20
N ILE G 50 -19.59 1.09 33.99
CA ILE G 50 -18.41 0.58 33.37
C ILE G 50 -18.39 0.94 31.90
N GLY G 51 -17.18 1.13 31.37
CA GLY G 51 -16.98 1.44 29.98
C GLY G 51 -15.72 0.73 29.51
N GLY G 52 -15.58 0.58 28.20
CA GLY G 52 -14.41 -0.09 27.64
C GLY G 52 -14.23 -1.52 28.20
N THR G 53 -15.34 -2.25 28.32
CA THR G 53 -15.30 -3.62 28.81
C THR G 53 -15.09 -3.75 30.33
N ASN G 54 -14.00 -3.18 30.84
CA ASN G 54 -13.61 -3.38 32.24
C ASN G 54 -13.26 -2.18 33.13
N ASN G 55 -13.38 -0.95 32.60
CA ASN G 55 -13.06 0.25 33.41
C ASN G 55 -14.26 0.87 34.08
N ARG G 56 -14.18 1.04 35.39
CA ARG G 56 -15.23 1.63 36.18
C ARG G 56 -15.18 3.15 36.19
N ALA G 57 -16.35 3.78 36.11
CA ALA G 57 -16.44 5.22 36.21
C ALA G 57 -16.11 5.54 37.67
N PRO G 58 -15.71 6.78 37.94
CA PRO G 58 -15.33 7.15 39.31
C PRO G 58 -16.52 7.09 40.27
N GLY G 59 -16.29 6.60 41.49
CA GLY G 59 -17.33 6.54 42.50
C GLY G 59 -18.19 5.28 42.43
N VAL G 60 -18.00 4.48 41.39
CA VAL G 60 -18.76 3.25 41.24
C VAL G 60 -18.20 2.20 42.19
N PRO G 61 -19.08 1.54 42.93
CA PRO G 61 -18.62 0.54 43.89
C PRO G 61 -17.78 -0.53 43.18
N ALA G 62 -16.72 -0.97 43.85
CA ALA G 62 -15.79 -1.94 43.28
C ALA G 62 -16.41 -3.32 43.09
N ARG G 63 -17.55 -3.57 43.75
CA ARG G 63 -18.23 -4.85 43.59
C ARG G 63 -18.72 -5.04 42.16
N PHE G 64 -18.80 -3.95 41.40
CA PHE G 64 -19.15 -4.03 39.98
C PHE G 64 -17.88 -4.19 39.17
N SER G 65 -17.77 -5.26 38.40
CA SER G 65 -16.61 -5.44 37.53
C SER G 65 -17.05 -5.92 36.15
N GLY G 66 -16.29 -5.55 35.14
CA GLY G 66 -16.60 -5.94 33.76
C GLY G 66 -15.50 -6.80 33.14
N SER G 67 -15.89 -7.65 32.20
CA SER G 67 -14.94 -8.54 31.53
C SER G 67 -15.60 -9.13 30.30
N LEU G 68 -14.87 -9.99 29.60
CA LEU G 68 -15.42 -10.75 28.49
C LEU G 68 -15.41 -12.20 28.96
N ILE G 69 -16.55 -12.86 28.86
CA ILE G 69 -16.65 -14.28 29.23
C ILE G 69 -17.11 -15.02 27.98
N GLY G 70 -16.26 -15.87 27.45
CA GLY G 70 -16.54 -16.54 26.19
C GLY G 70 -16.77 -15.48 25.10
N ASN G 71 -17.92 -15.56 24.44
CA ASN G 71 -18.29 -14.66 23.35
C ASN G 71 -19.00 -13.40 23.80
N LYS G 72 -19.21 -13.24 25.11
CA LYS G 72 -20.00 -12.11 25.59
C LYS G 72 -19.28 -11.16 26.53
N ALA G 73 -19.81 -9.95 26.63
CA ALA G 73 -19.35 -8.99 27.63
C ALA G 73 -20.16 -9.33 28.88
N ALA G 74 -19.54 -9.19 30.05
CA ALA G 74 -20.21 -9.55 31.29
C ALA G 74 -20.04 -8.52 32.39
N LEU G 75 -21.10 -8.33 33.17
CA LEU G 75 -21.05 -7.46 34.32
C LEU G 75 -21.25 -8.33 35.55
N THR G 76 -20.24 -8.38 36.41
CA THR G 76 -20.32 -9.20 37.61
C THR G 76 -20.51 -8.32 38.83
N ILE G 77 -21.48 -8.68 39.66
CA ILE G 77 -21.72 -7.96 40.89
C ILE G 77 -21.39 -8.93 42.00
N THR G 78 -20.27 -8.69 42.68
CA THR G 78 -19.79 -9.57 43.72
C THR G 78 -20.29 -9.09 45.08
N GLY G 79 -21.27 -9.81 45.63
CA GLY G 79 -21.89 -9.44 46.90
C GLY G 79 -23.02 -8.44 46.66
N ALA G 80 -24.10 -8.92 46.06
CA ALA G 80 -25.24 -8.08 45.74
C ALA G 80 -25.84 -7.39 46.94
N GLN G 81 -26.16 -6.11 46.77
CA GLN G 81 -26.75 -5.29 47.81
C GLN G 81 -28.20 -5.02 47.43
N THR G 82 -29.04 -4.72 48.40
CA THR G 82 -30.45 -4.44 48.12
C THR G 82 -30.61 -3.24 47.18
N GLU G 83 -29.76 -2.23 47.37
CA GLU G 83 -29.78 -1.04 46.52
C GLU G 83 -29.39 -1.33 45.06
N ASP G 84 -28.87 -2.54 44.79
CA ASP G 84 -28.46 -2.91 43.44
C ASP G 84 -29.67 -3.33 42.58
N GLU G 85 -30.83 -3.48 43.20
CA GLU G 85 -32.04 -3.84 42.46
C GLU G 85 -32.29 -2.71 41.45
N ALA G 86 -32.25 -3.04 40.17
CA ALA G 86 -32.36 -2.01 39.14
C ALA G 86 -32.41 -2.64 37.76
N ILE G 87 -32.43 -1.81 36.73
CA ILE G 87 -32.35 -2.29 35.36
C ILE G 87 -30.96 -1.93 34.80
N TYR G 88 -30.24 -2.94 34.33
CA TYR G 88 -28.89 -2.76 33.81
C TYR G 88 -28.88 -2.87 32.29
N PHE G 89 -28.41 -1.81 31.63
CA PHE G 89 -28.30 -1.82 30.18
C PHE G 89 -26.83 -1.95 29.78
N CYS G 90 -26.55 -2.78 28.78
CA CYS G 90 -25.21 -2.81 28.23
C CYS G 90 -25.28 -2.11 26.87
N ALA G 91 -24.14 -1.64 26.39
CA ALA G 91 -24.08 -0.99 25.07
C ALA G 91 -22.78 -1.38 24.39
N LEU G 92 -22.87 -1.69 23.10
CA LEU G 92 -21.70 -2.09 22.35
C LEU G 92 -21.41 -1.11 21.21
N TRP G 93 -20.14 -0.79 21.02
CA TRP G 93 -19.72 0.12 19.96
C TRP G 93 -19.38 -0.67 18.69
N TYR G 94 -19.97 -0.27 17.58
CA TYR G 94 -19.75 -0.94 16.30
C TYR G 94 -19.10 0.00 15.30
N SER G 95 -17.79 0.20 15.42
CA SER G 95 -16.96 1.01 14.51
C SER G 95 -17.44 2.42 14.06
N ASN G 96 -18.62 2.89 14.50
CA ASN G 96 -19.11 4.28 14.31
C ASN G 96 -20.36 4.58 15.17
N HIS G 97 -21.10 3.55 15.54
CA HIS G 97 -22.26 3.80 16.36
C HIS G 97 -22.35 2.81 17.52
N LEU G 98 -23.16 3.18 18.47
CA LEU G 98 -23.41 2.45 19.71
C LEU G 98 -24.74 1.72 19.70
N VAL G 99 -24.81 0.53 20.26
CA VAL G 99 -26.09 -0.11 20.33
C VAL G 99 -26.32 -0.52 21.76
N PHE G 100 -27.53 -0.28 22.23
CA PHE G 100 -27.89 -0.69 23.56
C PHE G 100 -28.57 -2.03 23.50
N GLY G 101 -28.35 -2.84 24.53
CA GLY G 101 -29.07 -4.09 24.70
C GLY G 101 -30.46 -3.69 25.26
N GLY G 102 -31.33 -4.67 25.44
CA GLY G 102 -32.68 -4.39 25.90
C GLY G 102 -32.82 -4.17 27.42
N GLY G 103 -31.74 -4.40 28.15
CA GLY G 103 -31.74 -4.19 29.61
C GLY G 103 -32.06 -5.46 30.40
N THR G 104 -31.44 -5.58 31.56
CA THR G 104 -31.70 -6.72 32.45
C THR G 104 -32.23 -6.19 33.75
N LYS G 105 -33.43 -6.62 34.11
CA LYS G 105 -34.01 -6.24 35.39
C LYS G 105 -33.45 -7.17 36.46
N LEU G 106 -32.72 -6.61 37.40
CA LEU G 106 -32.18 -7.41 38.49
C LEU G 106 -33.04 -7.29 39.74
N THR G 107 -33.44 -8.42 40.29
CA THR G 107 -34.21 -8.42 41.51
C THR G 107 -33.36 -9.02 42.60
N VAL G 108 -33.30 -8.35 43.75
CA VAL G 108 -32.52 -8.83 44.88
C VAL G 108 -33.47 -9.25 46.01
N LEU G 109 -33.48 -10.54 46.32
CA LEU G 109 -34.35 -11.09 47.38
C LEU G 109 -33.83 -10.77 48.78
N VAL H 3 -11.22 -2.21 -19.66
CA VAL H 3 -11.04 -3.29 -20.64
C VAL H 3 -9.59 -3.77 -20.68
N VAL H 4 -9.38 -5.04 -20.37
CA VAL H 4 -8.05 -5.63 -20.36
C VAL H 4 -7.91 -6.71 -21.44
N THR H 5 -7.13 -6.40 -22.48
CA THR H 5 -6.94 -7.30 -23.61
C THR H 5 -5.75 -8.26 -23.48
N GLN H 6 -6.03 -9.54 -23.71
CA GLN H 6 -4.99 -10.58 -23.70
C GLN H 6 -5.01 -11.29 -25.04
N GLU H 7 -3.87 -11.85 -25.44
CA GLU H 7 -3.84 -12.63 -26.67
C GLU H 7 -4.83 -13.77 -26.47
N SER H 8 -5.57 -14.10 -27.51
CA SER H 8 -6.56 -15.16 -27.42
C SER H 8 -5.89 -16.52 -27.22
N ALA H 9 -4.93 -16.84 -28.08
CA ALA H 9 -4.25 -18.13 -28.03
C ALA H 9 -2.81 -18.05 -28.52
N LEU H 10 -1.95 -18.83 -27.89
CA LEU H 10 -0.54 -18.86 -28.28
C LEU H 10 -0.03 -20.31 -28.28
N THR H 11 0.88 -20.60 -29.20
CA THR H 11 1.46 -21.93 -29.29
C THR H 11 2.96 -21.87 -29.12
N THR H 12 3.49 -22.72 -28.25
CA THR H 12 4.91 -22.82 -28.02
C THR H 12 5.30 -24.31 -27.97
N SER H 13 6.57 -24.60 -27.74
CA SER H 13 7.07 -25.98 -27.68
C SER H 13 7.93 -26.12 -26.44
N PRO H 14 8.10 -27.35 -25.95
CA PRO H 14 8.89 -27.57 -24.75
C PRO H 14 10.29 -26.95 -24.87
N GLY H 15 10.76 -26.32 -23.80
CA GLY H 15 12.07 -25.68 -23.80
C GLY H 15 12.05 -24.24 -24.32
N GLU H 16 11.16 -23.94 -25.26
CA GLU H 16 11.10 -22.60 -25.86
C GLU H 16 10.80 -21.52 -24.85
N THR H 17 10.83 -20.28 -25.33
CA THR H 17 10.51 -19.16 -24.48
C THR H 17 9.26 -18.53 -25.07
N VAL H 18 8.29 -18.27 -24.21
CA VAL H 18 7.05 -17.68 -24.68
C VAL H 18 6.65 -16.54 -23.78
N THR H 19 6.14 -15.49 -24.38
CA THR H 19 5.73 -14.32 -23.61
C THR H 19 4.28 -13.96 -23.92
N LEU H 20 3.49 -13.79 -22.85
CA LEU H 20 2.09 -13.41 -22.95
C LEU H 20 1.97 -11.97 -22.47
N THR H 21 1.10 -11.19 -23.09
CA THR H 21 0.93 -9.80 -22.68
C THR H 21 -0.47 -9.46 -22.14
N CYS H 22 -0.52 -8.36 -21.41
CA CYS H 22 -1.73 -7.90 -20.75
C CYS H 22 -1.87 -6.40 -21.06
N ARG H 23 -2.86 -6.05 -21.88
CA ARG H 23 -3.03 -4.68 -22.34
C ARG H 23 -4.15 -3.92 -21.61
N SER H 24 -3.95 -2.61 -21.47
CA SER H 24 -4.93 -1.76 -20.79
C SER H 24 -5.47 -0.68 -21.72
N SER H 25 -6.79 -0.53 -21.74
CA SER H 25 -7.45 0.46 -22.61
C SER H 25 -7.37 1.87 -22.04
N THR H 26 -7.27 1.97 -20.72
CA THR H 26 -7.21 3.26 -20.04
C THR H 26 -5.82 3.90 -20.16
N ALA H 28 -1.85 2.63 -20.51
CA ALA H 28 -0.61 1.90 -20.30
C ALA H 28 -0.55 1.27 -18.91
N VAL H 29 -0.16 0.00 -18.86
CA VAL H 29 -0.03 -0.71 -17.59
C VAL H 29 1.19 -0.22 -16.85
N THR H 30 1.05 -0.05 -15.53
CA THR H 30 2.15 0.41 -14.69
C THR H 30 2.19 -0.43 -13.41
N THR H 31 3.24 -0.24 -12.62
CA THR H 31 3.39 -0.97 -11.37
C THR H 31 2.19 -0.70 -10.47
N SER H 32 1.66 0.52 -10.57
CA SER H 32 0.51 0.92 -9.78
C SER H 32 -0.69 0.04 -10.10
N ASN H 33 -0.62 -0.66 -11.24
CA ASN H 33 -1.69 -1.56 -11.65
C ASN H 33 -1.58 -2.92 -10.94
N TYR H 34 -0.41 -3.22 -10.39
CA TYR H 34 -0.17 -4.47 -9.67
C TYR H 34 -0.71 -5.70 -10.42
N ALA H 35 -0.32 -5.82 -11.68
CA ALA H 35 -0.76 -6.92 -12.53
C ALA H 35 -0.58 -8.30 -11.91
N ASN H 36 -1.65 -9.09 -11.97
CA ASN H 36 -1.67 -10.46 -11.46
C ASN H 36 -1.78 -11.43 -12.65
N TRP H 37 -1.23 -12.63 -12.50
CA TRP H 37 -1.33 -13.68 -13.51
C TRP H 37 -1.86 -14.94 -12.86
N VAL H 38 -2.92 -15.49 -13.43
CA VAL H 38 -3.57 -16.66 -12.87
C VAL H 38 -3.60 -17.81 -13.90
N GLN H 39 -3.36 -19.03 -13.43
CA GLN H 39 -3.30 -20.18 -14.32
C GLN H 39 -4.47 -21.15 -14.14
N GLU H 40 -5.19 -21.44 -15.23
CA GLU H 40 -6.28 -22.40 -15.20
C GLU H 40 -5.97 -23.66 -15.99
N LYS H 41 -5.89 -24.79 -15.29
CA LYS H 41 -5.69 -26.08 -15.94
C LYS H 41 -7.07 -26.74 -16.07
N PRO H 42 -7.18 -27.77 -16.93
CA PRO H 42 -8.44 -28.48 -17.13
C PRO H 42 -8.88 -29.22 -15.88
N ASP H 43 -10.38 -28.94 -15.50
CA ASP H 43 -11.07 -29.31 -14.30
C ASP H 43 -11.19 -28.12 -13.37
N HIS H 44 -11.18 -26.86 -14.15
CA HIS H 44 -11.40 -25.61 -13.44
C HIS H 44 -10.40 -25.49 -12.32
N LEU H 45 -9.19 -25.98 -12.55
CA LEU H 45 -8.11 -25.87 -11.57
C LEU H 45 -7.38 -24.53 -11.70
N PHE H 46 -7.80 -23.54 -10.91
CA PHE H 46 -7.19 -22.22 -10.94
C PHE H 46 -6.02 -22.13 -9.97
N THR H 47 -5.01 -21.35 -10.34
CA THR H 47 -3.82 -21.20 -9.52
C THR H 47 -3.16 -19.83 -9.73
N GLY H 48 -2.91 -19.11 -8.64
CA GLY H 48 -2.25 -17.83 -8.70
C GLY H 48 -0.77 -18.04 -9.00
N LEU H 49 -0.22 -17.26 -9.92
CA LEU H 49 1.17 -17.41 -10.33
C LEU H 49 2.01 -16.18 -9.95
N ILE H 50 1.55 -15.00 -10.37
CA ILE H 50 2.28 -13.76 -10.12
C ILE H 50 1.35 -12.59 -9.80
N GLY H 51 1.84 -11.66 -8.99
CA GLY H 51 1.08 -10.47 -8.63
C GLY H 51 2.02 -9.28 -8.45
N GLY H 52 1.46 -8.08 -8.48
CA GLY H 52 2.27 -6.87 -8.33
C GLY H 52 3.30 -6.77 -9.45
N THR H 53 2.89 -7.18 -10.65
CA THR H 53 3.75 -7.13 -11.83
C THR H 53 4.76 -8.27 -11.94
N ASN H 54 5.56 -8.46 -10.89
CA ASN H 54 6.62 -9.47 -10.94
C ASN H 54 6.75 -10.36 -9.71
N ASN H 55 5.91 -10.14 -8.71
CA ASN H 55 5.99 -10.95 -7.50
C ASN H 55 5.36 -12.32 -7.67
N ARG H 56 6.17 -13.36 -7.49
CA ARG H 56 5.72 -14.73 -7.63
C ARG H 56 5.10 -15.24 -6.34
N ALA H 57 4.00 -15.98 -6.48
CA ALA H 57 3.36 -16.59 -5.32
C ALA H 57 4.25 -17.73 -4.84
N PRO H 58 4.00 -18.20 -3.62
CA PRO H 58 4.81 -19.29 -3.08
C PRO H 58 4.64 -20.56 -3.90
N GLY H 59 5.75 -21.25 -4.16
CA GLY H 59 5.73 -22.49 -4.92
C GLY H 59 5.83 -22.30 -6.43
N VAL H 60 5.51 -21.12 -6.92
CA VAL H 60 5.56 -20.85 -8.36
C VAL H 60 6.99 -20.94 -8.91
N PRO H 61 7.23 -21.92 -9.78
CA PRO H 61 8.56 -22.14 -10.36
C PRO H 61 9.20 -20.86 -10.89
N ALA H 62 10.52 -20.80 -10.80
CA ALA H 62 11.29 -19.64 -11.26
C ALA H 62 11.18 -19.37 -12.76
N ARG H 63 10.87 -20.40 -13.54
CA ARG H 63 10.78 -20.24 -14.99
C ARG H 63 9.68 -19.27 -15.42
N PHE H 64 8.77 -18.97 -14.50
CA PHE H 64 7.70 -18.01 -14.75
C PHE H 64 8.15 -16.63 -14.25
N SER H 65 8.10 -15.64 -15.12
CA SER H 65 8.50 -14.29 -14.74
C SER H 65 7.61 -13.24 -15.36
N GLY H 66 7.18 -12.28 -14.55
CA GLY H 66 6.34 -11.20 -15.01
C GLY H 66 7.18 -9.93 -15.11
N SER H 67 6.70 -8.97 -15.89
CA SER H 67 7.40 -7.72 -16.09
C SER H 67 6.53 -6.76 -16.87
N LEU H 68 7.09 -5.62 -17.22
CA LEU H 68 6.42 -4.65 -18.05
C LEU H 68 7.24 -4.52 -19.31
N ILE H 69 6.56 -4.51 -20.45
CA ILE H 69 7.21 -4.36 -21.74
C ILE H 69 6.49 -3.24 -22.45
N GLY H 70 7.17 -2.12 -22.61
CA GLY H 70 6.52 -0.93 -23.15
C GLY H 70 5.38 -0.60 -22.18
N ASN H 71 4.20 -0.37 -22.73
CA ASN H 71 3.03 -0.02 -21.92
C ASN H 71 2.14 -1.23 -21.63
N LYS H 72 2.73 -2.43 -21.61
CA LYS H 72 1.97 -3.65 -21.33
C LYS H 72 2.61 -4.46 -20.20
N ALA H 73 1.78 -5.24 -19.51
CA ALA H 73 2.27 -6.16 -18.50
C ALA H 73 2.52 -7.48 -19.24
N ALA H 74 3.53 -8.23 -18.81
CA ALA H 74 3.89 -9.44 -19.52
C ALA H 74 4.23 -10.61 -18.62
N LEU H 75 3.85 -11.80 -19.09
CA LEU H 75 4.21 -13.03 -18.41
C LEU H 75 5.07 -13.83 -19.37
N THR H 76 6.30 -14.06 -18.98
CA THR H 76 7.22 -14.82 -19.81
C THR H 76 7.49 -16.14 -19.15
N ILE H 77 7.57 -17.17 -19.97
CA ILE H 77 7.94 -18.50 -19.50
C ILE H 77 9.21 -18.88 -20.24
N THR H 78 10.32 -18.91 -19.51
CA THR H 78 11.61 -19.27 -20.08
C THR H 78 11.82 -20.75 -19.83
N GLY H 79 11.83 -21.52 -20.91
CA GLY H 79 11.92 -22.98 -20.79
C GLY H 79 10.53 -23.52 -20.49
N ALA H 80 9.61 -23.33 -21.43
CA ALA H 80 8.23 -23.79 -21.27
C ALA H 80 8.13 -25.30 -21.09
N GLN H 81 7.38 -25.73 -20.09
CA GLN H 81 7.18 -27.16 -19.82
C GLN H 81 5.84 -27.67 -20.37
N THR H 82 5.80 -28.96 -20.70
CA THR H 82 4.57 -29.60 -21.19
C THR H 82 3.41 -29.28 -20.26
N GLU H 83 3.69 -29.31 -18.97
CA GLU H 83 2.69 -29.04 -17.94
C GLU H 83 2.29 -27.58 -17.86
N ASP H 84 2.95 -26.72 -18.64
CA ASP H 84 2.60 -25.30 -18.64
C ASP H 84 1.41 -25.03 -19.57
N GLU H 85 1.00 -26.07 -20.30
CA GLU H 85 -0.17 -25.93 -21.16
C GLU H 85 -1.36 -25.61 -20.27
N ALA H 86 -2.00 -24.48 -20.54
CA ALA H 86 -3.09 -24.02 -19.71
C ALA H 86 -3.62 -22.71 -20.21
N ILE H 87 -4.60 -22.17 -19.49
CA ILE H 87 -5.16 -20.88 -19.82
C ILE H 87 -4.64 -19.92 -18.76
N TYR H 88 -4.20 -18.74 -19.20
CA TYR H 88 -3.62 -17.76 -18.30
C TYR H 88 -4.41 -16.46 -18.29
N PHE H 89 -4.91 -16.10 -17.12
CA PHE H 89 -5.66 -14.85 -16.96
C PHE H 89 -4.83 -13.80 -16.24
N CYS H 90 -4.78 -12.60 -16.81
CA CYS H 90 -4.13 -11.48 -16.15
C CYS H 90 -5.22 -10.61 -15.55
N ALA H 91 -4.88 -9.87 -14.50
CA ALA H 91 -5.82 -8.96 -13.84
C ALA H 91 -5.11 -7.67 -13.44
N LEU H 92 -5.73 -6.54 -13.79
CA LEU H 92 -5.17 -5.23 -13.48
C LEU H 92 -6.06 -4.51 -12.45
N TRP H 93 -5.39 -3.83 -11.52
CA TRP H 93 -6.06 -3.06 -10.48
C TRP H 93 -6.22 -1.61 -10.92
N TYR H 94 -7.45 -1.10 -10.84
CA TYR H 94 -7.75 0.28 -11.24
C TYR H 94 -8.23 1.09 -10.05
N SER H 95 -7.30 1.53 -9.21
CA SER H 95 -7.56 2.40 -8.04
C SER H 95 -8.74 2.08 -7.07
N ASN H 96 -9.52 1.01 -7.31
CA ASN H 96 -10.53 0.48 -6.37
C ASN H 96 -11.07 -0.90 -6.81
N HIS H 97 -10.96 -1.22 -8.09
CA HIS H 97 -11.43 -2.52 -8.51
C HIS H 97 -10.43 -3.17 -9.45
N LEU H 98 -10.61 -4.46 -9.61
CA LEU H 98 -9.79 -5.35 -10.41
C LEU H 98 -10.46 -5.72 -11.73
N VAL H 99 -9.69 -5.82 -12.80
CA VAL H 99 -10.31 -6.27 -14.02
C VAL H 99 -9.49 -7.42 -14.56
N PHE H 100 -10.18 -8.45 -15.00
CA PHE H 100 -9.51 -9.56 -15.59
C PHE H 100 -9.49 -9.40 -17.09
N GLY H 101 -8.42 -9.88 -17.71
CA GLY H 101 -8.33 -9.94 -19.17
C GLY H 101 -9.16 -11.17 -19.58
N GLY H 102 -9.21 -11.35 -20.89
CA GLY H 102 -10.00 -12.41 -21.51
C GLY H 102 -9.33 -13.79 -21.43
N GLY H 103 -8.15 -13.84 -20.81
CA GLY H 103 -7.40 -15.09 -20.66
C GLY H 103 -6.72 -15.54 -21.96
N THR H 104 -5.53 -16.13 -21.82
CA THR H 104 -4.79 -16.62 -22.99
C THR H 104 -4.67 -18.14 -22.97
N LYS H 105 -5.14 -18.79 -24.03
CA LYS H 105 -5.06 -20.24 -24.13
C LYS H 105 -3.65 -20.61 -24.62
N LEU H 106 -2.85 -21.21 -23.74
CA LEU H 106 -1.49 -21.60 -24.13
C LEU H 106 -1.36 -23.08 -24.41
N THR H 107 -1.01 -23.39 -25.64
CA THR H 107 -0.80 -24.77 -26.06
C THR H 107 0.70 -25.05 -26.08
N VAL H 108 1.15 -26.06 -25.34
CA VAL H 108 2.56 -26.46 -25.37
C VAL H 108 2.63 -27.72 -26.18
N LEU H 109 2.87 -27.54 -27.48
CA LEU H 109 2.84 -28.61 -28.46
C LEU H 109 4.23 -29.20 -28.70
AS CAC I . 30.07 4.61 -43.38
O1 CAC I . 31.22 4.26 -42.02
O2 CAC I . 30.25 6.32 -43.66
C1 CAC I . 29.05 3.66 -44.78
C2 CAC I . 31.78 3.91 -43.56
S DMS J . 6.46 2.28 -25.98
O DMS J . 7.55 3.07 -25.44
C1 DMS J . 6.61 2.35 -27.71
C2 DMS J . 7.02 0.56 -25.84
S DMS K . 12.02 12.94 -24.09
O DMS K . 12.95 12.89 -25.23
C1 DMS K . 10.55 12.12 -24.57
C2 DMS K . 12.63 11.66 -22.98
S DMS L . 32.79 10.67 -37.12
O DMS L . 32.23 11.59 -38.13
C1 DMS L . 34.10 9.80 -37.90
C2 DMS L . 33.78 11.70 -36.07
S DMS M . 13.96 21.40 -35.46
O DMS M . 13.96 22.62 -34.63
C1 DMS M . 12.30 20.92 -35.66
C2 DMS M . 14.21 22.01 -37.13
S DMS N . 37.24 13.38 -34.01
O DMS N . 36.50 12.60 -33.00
C1 DMS N . 38.11 12.24 -35.00
C2 DMS N . 35.99 13.82 -35.21
S DMS O . 2.77 -11.32 -29.22
O DMS O . 1.95 -12.52 -28.94
C1 DMS O . 1.69 -9.96 -29.12
C2 DMS O . 3.64 -11.03 -27.69
S DMS P . 20.61 26.70 -29.48
O DMS P . 21.91 26.19 -29.96
C1 DMS P . 19.92 25.47 -28.46
C2 DMS P . 21.04 27.84 -28.18
C1 EDO Q . 39.56 11.21 -39.22
O1 EDO Q . 40.86 10.72 -38.83
C2 EDO Q . 38.95 11.97 -38.02
O2 EDO Q . 37.75 12.59 -38.49
C2 AZN R . 14.41 -1.13 -23.32
C3 AZN R . 16.63 -2.43 -23.62
C4 AZN R . 14.21 -2.04 -22.16
C5 AZN R . 13.46 -0.19 -23.58
C8 AZN R . 15.18 -3.08 -21.78
C9 AZN R . 13.08 -1.96 -21.35
C10 AZN R . 12.32 -0.12 -22.74
C11 AZN R . 17.34 -4.21 -22.18
C12 AZN R . 18.73 -3.54 -23.99
C14 AZN R . 18.49 -4.35 -22.91
C13 AZN R . 12.22 -1.00 -21.64
C1 AZN R . 15.64 -1.35 -24.07
C6 AZN R . 16.40 -3.25 -22.54
C7 AZN R . 17.81 -2.58 -24.36
O6 AZN R . 9.79 -0.01 -21.47
O4 AZN R . 10.62 -0.70 -19.45
O3 AZN R . 11.37 0.81 -22.97
O1 AZN R . 13.61 0.66 -24.62
O5 AZN R . 9.81 -2.23 -21.06
O AZN R . 15.90 -0.64 -25.05
O2 AZN R . 14.96 -3.80 -20.82
S1 AZN R . 10.56 -1.04 -20.84
NA NA S . 37.32 -0.75 -23.03
C2 AZN T . 6.05 5.79 2.94
C3 AZN T . 5.47 5.91 5.48
C4 AZN T . 4.59 5.62 2.77
C5 AZN T . 6.83 5.79 1.80
C8 AZN T . 3.65 5.58 3.90
C9 AZN T . 4.00 5.50 1.55
C10 AZN T . 6.17 5.67 0.54
C11 AZN T . 3.22 5.70 6.31
C12 AZN T . 5.01 6.04 7.84
C14 AZN T . 3.68 5.85 7.61
C13 AZN T . 4.75 5.57 0.47
C1 AZN T . 6.50 5.94 4.33
C6 AZN T . 4.12 5.73 5.25
C7 AZN T . 5.91 6.06 6.79
O6 AZN T . 3.71 5.31 -1.90
O4 AZN T . 3.05 3.65 -0.45
O3 AZN T . 6.89 5.68 -0.62
O1 AZN T . 8.18 5.93 1.87
O5 AZN T . 5.17 3.65 -1.45
O AZN T . 7.68 6.10 4.59
O2 AZN T . 2.46 5.43 3.69
S1 AZN T . 4.16 4.45 -0.86
NA NA U . -37.14 -6.33 29.38
AS CAC V . -38.79 12.93 34.02
O1 CAC V . -38.91 11.13 33.81
O2 CAC V . -40.09 13.55 33.06
C1 CAC V . -37.96 14.25 35.23
C2 CAC V . -39.59 11.74 35.21
S DMS W . -14.99 14.94 16.86
O DMS W . -16.07 14.11 16.33
C1 DMS W . -15.73 16.09 17.94
C2 DMS W . -14.23 13.94 18.16
S DMS X . -24.95 13.44 10.04
O DMS X . -25.95 13.64 11.10
C1 DMS X . -23.59 14.45 10.42
C2 DMS X . -24.20 11.87 10.45
S DMS Y . -42.38 8.70 26.78
O DMS Y . -42.93 10.06 26.56
C1 DMS Y . -43.00 8.14 28.30
C2 DMS Y . -43.37 7.66 25.73
S DMS Z . -35.54 22.89 11.80
O DMS Z . -36.04 22.70 10.43
C1 DMS Z . -34.15 23.93 11.70
C2 DMS Z . -36.67 24.10 12.50
S DMS AA . -46.12 4.54 24.43
O DMS AA . -44.78 4.05 24.11
C1 DMS AA . -46.35 4.33 26.15
C2 DMS AA . -45.94 6.32 24.44
S DMS BA . -4.90 15.26 27.22
O DMS BA . -3.49 15.20 27.62
C1 DMS BA . -5.00 16.31 25.83
C2 DMS BA . -5.18 13.72 26.36
S DMS CA . -41.48 16.13 6.59
O DMS CA . -42.21 15.48 7.68
C1 DMS CA . -39.87 15.46 6.59
C2 DMS CA . -42.06 15.31 5.12
C1 EDO DA . -48.14 6.05 29.98
O1 EDO DA . -48.60 4.79 30.53
C2 EDO DA . -47.79 5.84 28.51
O2 EDO DA . -47.51 7.13 27.95
C2 AZN EA . -17.43 6.93 20.30
C3 AZN EA . -18.26 5.32 22.16
C4 AZN EA . -16.31 5.95 20.15
C5 AZN EA . -17.46 8.02 19.48
C8 AZN EA . -16.20 4.74 20.98
C9 AZN EA . -15.32 6.13 19.20
C10 AZN EA . -16.43 8.16 18.52
C11 AZN EA . -17.12 3.30 22.75
C12 AZN EA . -19.14 3.89 23.88
C14 AZN EA . -18.09 3.02 23.69
C13 AZN EA . -15.42 7.18 18.42
C1 AZN EA . -18.41 6.61 21.34
C6 AZN EA . -17.20 4.45 21.98
C7 AZN EA . -19.22 5.04 23.12
O6 AZN EA . -14.31 8.91 16.80
O4 AZN EA . -13.76 6.74 16.31
O3 AZN EA . -16.43 9.22 17.68
O1 AZN EA . -18.46 8.91 19.57
O5 AZN EA . -12.77 7.91 18.10
O AZN EA . -19.36 7.36 21.52
O2 AZN EA . -15.27 3.98 20.82
S1 AZN EA . -13.98 7.65 17.39
NA NA FA . -33.47 -7.72 27.59
CL CL GA . -36.45 24.51 17.65
C2 AZN HA . -7.03 -4.10 -3.80
C3 AZN HA . -5.83 -5.49 -5.65
C4 AZN HA . -5.97 -3.09 -4.09
C5 AZN HA . -7.96 -3.77 -2.83
C8 AZN HA . -4.92 -3.32 -5.09
C9 AZN HA . -5.90 -1.89 -3.46
C10 AZN HA . -7.85 -2.50 -2.19
C11 AZN HA . -3.87 -4.72 -6.81
C12 AZN HA . -4.80 -6.85 -7.35
C14 AZN HA . -3.84 -5.88 -7.54
C13 AZN HA . -6.83 -1.58 -2.57
C1 AZN HA . -6.96 -5.33 -4.60
C6 AZN HA . -4.88 -4.52 -5.86
C7 AZN HA . -5.80 -6.65 -6.41
O6 AZN HA . -6.76 0.69 -1.30
O4 AZN HA . -4.76 -0.43 -1.26
O3 AZN HA . -8.76 -2.14 -1.24
O1 AZN HA . -8.95 -4.64 -2.48
O5 AZN HA . -6.55 -1.06 0.10
O AZN HA . -7.79 -6.21 -4.45
O2 AZN HA . -4.07 -2.46 -5.27
S1 AZN HA . -6.16 -0.61 -1.18
S DMS IA . 19.48 -18.21 -26.29
O DMS IA . 18.45 -18.20 -27.34
C1 DMS IA . 18.77 -18.98 -24.89
C2 DMS IA . 20.57 -19.54 -26.75
S DMS JA . 29.41 -14.53 -36.52
O DMS JA . 28.22 -14.58 -37.38
C1 DMS JA . 30.79 -14.54 -37.58
C2 DMS JA . 29.50 -12.82 -36.02
S DMS KA . 32.21 3.87 -20.87
O DMS KA . 30.93 3.22 -20.52
C1 DMS KA . 33.47 2.66 -20.69
C2 DMS KA . 32.20 3.92 -22.65
S DMS LA . 17.51 -14.15 -19.90
O DMS LA . 18.42 -14.26 -21.04
C1 DMS LA . 18.44 -13.53 -18.56
C2 DMS LA . 16.58 -12.66 -20.24
S DMS MA . 20.92 -19.71 -31.23
O DMS MA . 22.36 -19.70 -30.89
C1 DMS MA . 20.60 -18.22 -32.07
C2 DMS MA . 20.11 -19.29 -29.69
NA NA NA . 36.18 1.38 -30.47
CL CL OA . 25.48 4.96 -23.69
CL CL PA . 15.53 18.30 -40.60
CL CL QA . 37.13 -0.05 -28.32
NA NA RA . -5.89 7.47 29.29
CL CL SA . -5.35 10.61 30.17
S DMS TA . -11.10 0.44 35.86
O DMS TA . -10.75 1.84 36.16
C1 DMS TA . -9.64 -0.34 35.31
C2 DMS TA . -11.17 -0.35 37.47
S DMS UA . -23.80 2.51 43.03
O DMS UA . -23.24 3.86 43.18
C1 DMS UA . -25.13 2.38 44.16
C2 DMS UA . -24.79 2.64 41.54
S DMS VA . -32.11 -4.54 21.28
O DMS VA . -30.70 -4.17 21.08
C1 DMS VA . -32.15 -5.83 22.46
C2 DMS VA . -32.74 -3.25 22.35
S DMS WA . -10.15 -1.54 28.36
O DMS WA . -11.10 -1.34 29.47
C1 DMS WA . -10.72 -2.88 27.41
C2 DMS WA . -10.57 -0.24 27.21
S DMS XA . -12.83 2.53 40.49
O DMS XA . -13.72 1.39 40.76
C1 DMS XA . -13.84 3.81 39.85
C2 DMS XA . -12.01 2.11 38.97
NA NA YA . -36.54 -1.05 30.37
CL CL ZA . -29.09 2.07 19.97
CL CL AB . -35.57 -3.62 30.36
CL CL BB . 7.06 -14.62 -27.98
#